data_9EHP
# 
_entry.id   9EHP 
# 
_audit_conform.dict_name       mmcif_pdbx.dic 
_audit_conform.dict_version    5.403 
_audit_conform.dict_location   http://mmcif.pdb.org/dictionaries/ascii/mmcif_pdbx.dic 
# 
loop_
_database_2.database_id 
_database_2.database_code 
_database_2.pdbx_database_accession 
_database_2.pdbx_DOI 
PDB   9EHP         pdb_00009ehp 10.2210/pdb9ehp/pdb 
WWPDB D_1000289709 ?            ?                   
# 
loop_
_pdbx_audit_revision_history.ordinal 
_pdbx_audit_revision_history.data_content_type 
_pdbx_audit_revision_history.major_revision 
_pdbx_audit_revision_history.minor_revision 
_pdbx_audit_revision_history.revision_date 
_pdbx_audit_revision_history.part_number 
1 'Structure model' 1 0 2025-05-21 ? 
2 'Structure model' 1 1 2025-06-04 ? 
# 
_pdbx_audit_revision_details.ordinal             1 
_pdbx_audit_revision_details.revision_ordinal    1 
_pdbx_audit_revision_details.data_content_type   'Structure model' 
_pdbx_audit_revision_details.provider            repository 
_pdbx_audit_revision_details.type                'Initial release' 
_pdbx_audit_revision_details.description         ? 
_pdbx_audit_revision_details.details             ? 
# 
_pdbx_audit_revision_group.ordinal             1 
_pdbx_audit_revision_group.revision_ordinal    2 
_pdbx_audit_revision_group.data_content_type   'Structure model' 
_pdbx_audit_revision_group.group               'Database references' 
# 
loop_
_pdbx_audit_revision_category.ordinal 
_pdbx_audit_revision_category.revision_ordinal 
_pdbx_audit_revision_category.data_content_type 
_pdbx_audit_revision_category.category 
1 2 'Structure model' citation        
2 2 'Structure model' citation_author 
# 
loop_
_pdbx_audit_revision_item.ordinal 
_pdbx_audit_revision_item.revision_ordinal 
_pdbx_audit_revision_item.data_content_type 
_pdbx_audit_revision_item.item 
1 2 'Structure model' '_citation.journal_volume'          
2 2 'Structure model' '_citation.page_first'              
3 2 'Structure model' '_citation.page_last'               
4 2 'Structure model' '_citation_author.identifier_ORCID' 
# 
_pdbx_database_status.status_code                     REL 
_pdbx_database_status.status_code_sf                  REL 
_pdbx_database_status.status_code_mr                  ? 
_pdbx_database_status.entry_id                        9EHP 
_pdbx_database_status.recvd_initial_deposition_date   2024-11-24 
_pdbx_database_status.SG_entry                        N 
_pdbx_database_status.deposit_site                    RCSB 
_pdbx_database_status.process_site                    RCSB 
_pdbx_database_status.status_code_cs                  ? 
_pdbx_database_status.status_code_nmr_data            ? 
_pdbx_database_status.methods_development_category    ? 
_pdbx_database_status.pdb_format_compatible           Y 
# 
_pdbx_contact_author.id                 2 
_pdbx_contact_author.email              andyn@uic.edu 
_pdbx_contact_author.name_first         Andy 
_pdbx_contact_author.name_last          Nguyen 
_pdbx_contact_author.name_mi            I 
_pdbx_contact_author.role               'principal investigator/group leader' 
_pdbx_contact_author.identifier_ORCID   0000-0003-4137-6453 
# 
_audit_author.name               'Richardson-Matthews, R.M.' 
_audit_author.pdbx_ordinal       1 
_audit_author.identifier_ORCID   0000-0002-5871-0908 
# 
_citation.abstract                  ? 
_citation.abstract_id_CAS           ? 
_citation.book_id_ISBN              ? 
_citation.book_publisher            ? 
_citation.book_publisher_city       ? 
_citation.book_title                ? 
_citation.coordinate_linkage        ? 
_citation.country                   US 
_citation.database_id_Medline       ? 
_citation.details                   ? 
_citation.id                        primary 
_citation.journal_abbrev            J.Am.Chem.Soc. 
_citation.journal_id_ASTM           JACSAT 
_citation.journal_id_CSD            ? 
_citation.journal_id_ISSN           1520-5126 
_citation.journal_full              ? 
_citation.journal_issue             ? 
_citation.journal_volume            147 
_citation.language                  ? 
_citation.page_first                17433 
_citation.page_last                 17447 
_citation.title                     'Metal-alpha-Helix Peptide Frameworks.' 
_citation.year                      2025 
_citation.database_id_CSD           ? 
_citation.pdbx_database_id_DOI      10.1021/jacs.5c04078 
_citation.pdbx_database_id_PubMed   40328673 
_citation.pdbx_database_id_patent   ? 
_citation.unpublished_flag          ? 
# 
loop_
_citation_author.citation_id 
_citation_author.name 
_citation_author.ordinal 
_citation_author.identifier_ORCID 
primary 'Richardson-Matthews, R.' 1 ? 
primary 'Velko, K.'               2 ? 
primary 'Bhunia, B.'              3 ? 
primary 'Ghosh, S.'               4 ? 
primary 'Oktawiec, J.'            5 ? 
primary 'Brunzelle, J.S.'         6 ? 
primary 'Dang, V.T.'              7 ? 
primary 'Nguyen, A.I.'            8 ? 
# 
loop_
_entity.id 
_entity.type 
_entity.src_method 
_entity.pdbx_description 
_entity.formula_weight 
_entity.pdbx_number_of_molecules 
_entity.pdbx_ec 
_entity.pdbx_mutation 
_entity.pdbx_fragment 
_entity.details 
1 polymer     syn 'Co-MAHF-9 A8C'   1007.252 2 ? ? ? ? 
2 non-polymer syn 'COBALT (II) ION' 58.933   1 ? ? ? ? 
3 water       nat water             18.015   6 ? ? ? ? 
# 
_entity_poly.entity_id                      1 
_entity_poly.type                           'polypeptide(L)' 
_entity_poly.nstd_linkage                   no 
_entity_poly.nstd_monomer                   yes 
_entity_poly.pdbx_seq_one_letter_code       '(ACE)L(AIB)E(AIB)LHC(AIB)L(NH2)' 
_entity_poly.pdbx_seq_one_letter_code_can   XLAEALHCALX 
_entity_poly.pdbx_strand_id                 B,A 
_entity_poly.pdbx_target_identifier         ? 
# 
loop_
_pdbx_entity_nonpoly.entity_id 
_pdbx_entity_nonpoly.name 
_pdbx_entity_nonpoly.comp_id 
2 'COBALT (II) ION' CO  
3 water             HOH 
# 
loop_
_entity_poly_seq.entity_id 
_entity_poly_seq.num 
_entity_poly_seq.mon_id 
_entity_poly_seq.hetero 
1 1  ACE n 
1 2  LEU n 
1 3  AIB n 
1 4  GLU n 
1 5  AIB n 
1 6  LEU n 
1 7  HIS n 
1 8  CYS n 
1 9  AIB n 
1 10 LEU n 
1 11 NH2 n 
# 
_pdbx_entity_src_syn.entity_id              1 
_pdbx_entity_src_syn.pdbx_src_id            1 
_pdbx_entity_src_syn.pdbx_alt_source_flag   sample 
_pdbx_entity_src_syn.pdbx_beg_seq_num       1 
_pdbx_entity_src_syn.pdbx_end_seq_num       11 
_pdbx_entity_src_syn.organism_scientific    'synthetic construct' 
_pdbx_entity_src_syn.organism_common_name   ? 
_pdbx_entity_src_syn.ncbi_taxonomy_id       32630 
_pdbx_entity_src_syn.details                ? 
# 
loop_
_chem_comp.id 
_chem_comp.type 
_chem_comp.mon_nstd_flag 
_chem_comp.name 
_chem_comp.pdbx_synonyms 
_chem_comp.formula 
_chem_comp.formula_weight 
ACE non-polymer         . 'ACETYL GROUP'               ? 'C2 H4 O'        44.053  
AIB 'L-peptide linking' n 'ALPHA-AMINOISOBUTYRIC ACID' ? 'C4 H9 N O2'     103.120 
CO  non-polymer         . 'COBALT (II) ION'            ? 'Co 2'           58.933  
CYS 'L-peptide linking' y CYSTEINE                     ? 'C3 H7 N O2 S'   121.158 
GLU 'L-peptide linking' y 'GLUTAMIC ACID'              ? 'C5 H9 N O4'     147.129 
HIS 'L-peptide linking' y HISTIDINE                    ? 'C6 H10 N3 O2 1' 156.162 
HOH non-polymer         . WATER                        ? 'H2 O'           18.015  
LEU 'L-peptide linking' y LEUCINE                      ? 'C6 H13 N O2'    131.173 
NH2 non-polymer         . 'AMINO GROUP'                ? 'H2 N'           16.023  
# 
loop_
_pdbx_poly_seq_scheme.asym_id 
_pdbx_poly_seq_scheme.entity_id 
_pdbx_poly_seq_scheme.seq_id 
_pdbx_poly_seq_scheme.mon_id 
_pdbx_poly_seq_scheme.ndb_seq_num 
_pdbx_poly_seq_scheme.pdb_seq_num 
_pdbx_poly_seq_scheme.auth_seq_num 
_pdbx_poly_seq_scheme.pdb_mon_id 
_pdbx_poly_seq_scheme.auth_mon_id 
_pdbx_poly_seq_scheme.pdb_strand_id 
_pdbx_poly_seq_scheme.pdb_ins_code 
_pdbx_poly_seq_scheme.hetero 
A 1 1  ACE 1  1  1  ACE ACY B . n 
A 1 2  LEU 2  2  2  LEU LEU B . n 
A 1 3  AIB 3  3  3  AIB AIB B . n 
A 1 4  GLU 4  4  4  GLU GLU B . n 
A 1 5  AIB 5  5  5  AIB AIB B . n 
A 1 6  LEU 6  6  6  LEU LEU B . n 
A 1 7  HIS 7  7  7  HIS HIS B . n 
A 1 8  CYS 8  8  8  CYS CYS B . n 
A 1 9  AIB 9  9  9  AIB AIB B . n 
A 1 10 LEU 10 10 10 LEU LEU B . n 
A 1 11 NH2 11 11 11 NH2 NH3 B . n 
B 1 1  ACE 1  1  1  ACE ACY A . n 
B 1 2  LEU 2  2  2  LEU LEU A . n 
B 1 3  AIB 3  3  3  AIB AIB A . n 
B 1 4  GLU 4  4  4  GLU GLU A . n 
B 1 5  AIB 5  5  5  AIB AIB A . n 
B 1 6  LEU 6  6  6  LEU LEU A . n 
B 1 7  HIS 7  7  7  HIS HIS A . n 
B 1 8  CYS 8  8  8  CYS CYS A . n 
B 1 9  AIB 9  9  9  AIB AIB A . n 
B 1 10 LEU 10 10 10 LEU LEU A . n 
B 1 11 NH2 11 11 11 NH2 NH3 A . n 
# 
loop_
_pdbx_nonpoly_scheme.asym_id 
_pdbx_nonpoly_scheme.entity_id 
_pdbx_nonpoly_scheme.mon_id 
_pdbx_nonpoly_scheme.ndb_seq_num 
_pdbx_nonpoly_scheme.pdb_seq_num 
_pdbx_nonpoly_scheme.auth_seq_num 
_pdbx_nonpoly_scheme.pdb_mon_id 
_pdbx_nonpoly_scheme.auth_mon_id 
_pdbx_nonpoly_scheme.pdb_strand_id 
_pdbx_nonpoly_scheme.pdb_ins_code 
C 2 CO  1 101 1 CO  CO  A . 
D 3 HOH 1 101 5 HOH HOH B . 
D 3 HOH 2 102 6 HOH HOH B . 
D 3 HOH 3 103 1 HOH HOH B . 
D 3 HOH 4 104 4 HOH HOH B . 
E 3 HOH 1 201 2 HOH HOH A . 
E 3 HOH 2 202 3 HOH HOH A . 
# 
loop_
_software.citation_id 
_software.classification 
_software.compiler_name 
_software.compiler_version 
_software.contact_author 
_software.contact_author_email 
_software.date 
_software.description 
_software.dependencies 
_software.hardware 
_software.language 
_software.location 
_software.mods 
_software.name 
_software.os 
_software.os_version 
_software.type 
_software.version 
_software.pdbx_ordinal 
? refinement       ? ? ? ? ? ? ? ? ? ? ? PHENIX ? ? ? 1.20.1_4487 1 
? 'data reduction' ? ? ? ? ? ? ? ? ? ? ? XDS    ? ? ? .           2 
? 'data scaling'   ? ? ? ? ? ? ? ? ? ? ? XDS    ? ? ? .           3 
? phasing          ? ? ? ? ? ? ? ? ? ? ? PHASER ? ? ? .           4 
# 
_cell.angle_alpha                  81.610 
_cell.angle_alpha_esd              ? 
_cell.angle_beta                   81.500 
_cell.angle_beta_esd               ? 
_cell.angle_gamma                  72.510 
_cell.angle_gamma_esd              ? 
_cell.entry_id                     9EHP 
_cell.details                      ? 
_cell.formula_units_Z              ? 
_cell.length_a                     9.917 
_cell.length_a_esd                 ? 
_cell.length_b                     16.292 
_cell.length_b_esd                 ? 
_cell.length_c                     20.160 
_cell.length_c_esd                 ? 
_cell.volume                       3054.666 
_cell.volume_esd                   ? 
_cell.Z_PDB                        2 
_cell.reciprocal_angle_alpha       ? 
_cell.reciprocal_angle_beta        ? 
_cell.reciprocal_angle_gamma       ? 
_cell.reciprocal_angle_alpha_esd   ? 
_cell.reciprocal_angle_beta_esd    ? 
_cell.reciprocal_angle_gamma_esd   ? 
_cell.reciprocal_length_a          ? 
_cell.reciprocal_length_b          ? 
_cell.reciprocal_length_c          ? 
_cell.reciprocal_length_a_esd      ? 
_cell.reciprocal_length_b_esd      ? 
_cell.reciprocal_length_c_esd      ? 
_cell.pdbx_unique_axis             ? 
_cell.pdbx_esd_method              ? 
# 
_symmetry.entry_id                         9EHP 
_symmetry.cell_setting                     ? 
_symmetry.Int_Tables_number                1 
_symmetry.space_group_name_Hall            'P 1' 
_symmetry.space_group_name_H-M             'P 1' 
_symmetry.pdbx_full_space_group_name_H-M   ? 
# 
_exptl.absorpt_coefficient_mu     ? 
_exptl.absorpt_correction_T_max   ? 
_exptl.absorpt_correction_T_min   ? 
_exptl.absorpt_correction_type    ? 
_exptl.absorpt_process_details    ? 
_exptl.entry_id                   9EHP 
_exptl.crystals_number            1 
_exptl.details                    ? 
_exptl.method                     'X-RAY DIFFRACTION' 
_exptl.method_details             ? 
# 
_exptl_crystal.colour                       ? 
_exptl_crystal.density_diffrn               ? 
_exptl_crystal.density_Matthews             ? 
_exptl_crystal.density_method               ? 
_exptl_crystal.density_percent_sol          ? 
_exptl_crystal.description                  ? 
_exptl_crystal.F_000                        ? 
_exptl_crystal.id                           1 
_exptl_crystal.preparation                  ? 
_exptl_crystal.size_max                     ? 
_exptl_crystal.size_mid                     ? 
_exptl_crystal.size_min                     ? 
_exptl_crystal.size_rad                     ? 
_exptl_crystal.colour_lustre                ? 
_exptl_crystal.colour_modifier              ? 
_exptl_crystal.colour_primary               ? 
_exptl_crystal.density_meas                 ? 
_exptl_crystal.density_meas_esd             ? 
_exptl_crystal.density_meas_gt              ? 
_exptl_crystal.density_meas_lt              ? 
_exptl_crystal.density_meas_temp            ? 
_exptl_crystal.density_meas_temp_esd        ? 
_exptl_crystal.density_meas_temp_gt         ? 
_exptl_crystal.density_meas_temp_lt         ? 
_exptl_crystal.pdbx_crystal_image_url       ? 
_exptl_crystal.pdbx_crystal_image_format    ? 
_exptl_crystal.pdbx_mosaicity               ? 
_exptl_crystal.pdbx_mosaicity_esd           ? 
_exptl_crystal.pdbx_mosaic_method           ? 
_exptl_crystal.pdbx_mosaic_block_size       ? 
_exptl_crystal.pdbx_mosaic_block_size_esd   ? 
# 
_exptl_crystal_grow.apparatus       ? 
_exptl_crystal_grow.atmosphere      ? 
_exptl_crystal_grow.crystal_id      1 
_exptl_crystal_grow.details         ? 
_exptl_crystal_grow.method          'SLOW COOLING' 
_exptl_crystal_grow.method_ref      ? 
_exptl_crystal_grow.pH              ? 
_exptl_crystal_grow.pressure        ? 
_exptl_crystal_grow.pressure_esd    ? 
_exptl_crystal_grow.seeding         ? 
_exptl_crystal_grow.seeding_ref     ? 
_exptl_crystal_grow.temp_details    ? 
_exptl_crystal_grow.temp_esd        ? 
_exptl_crystal_grow.time            ? 
_exptl_crystal_grow.pdbx_details    'water, acetonitrile, cobalt acetate, methanol' 
_exptl_crystal_grow.pdbx_pH_range   ? 
_exptl_crystal_grow.temp            298 
# 
loop_
_diffrn.ambient_environment 
_diffrn.ambient_temp 
_diffrn.ambient_temp_details 
_diffrn.ambient_temp_esd 
_diffrn.crystal_id 
_diffrn.crystal_support 
_diffrn.crystal_treatment 
_diffrn.details 
_diffrn.id 
_diffrn.ambient_pressure 
_diffrn.ambient_pressure_esd 
_diffrn.ambient_pressure_gt 
_diffrn.ambient_pressure_lt 
_diffrn.ambient_temp_gt 
_diffrn.ambient_temp_lt 
_diffrn.pdbx_serial_crystal_experiment 
? 100 ? ? 1 ? ? ? 1 ? ? ? ? ? ? N 
? 100 ? ? 1 ? ? ? 2 ? ? ? ? ? ? N 
# 
loop_
_diffrn_detector.details 
_diffrn_detector.detector 
_diffrn_detector.diffrn_id 
_diffrn_detector.type 
_diffrn_detector.area_resol_mean 
_diffrn_detector.dtime 
_diffrn_detector.pdbx_frames_total 
_diffrn_detector.pdbx_collection_time_total 
_diffrn_detector.pdbx_collection_date 
_diffrn_detector.pdbx_frequency 
_diffrn_detector.id 
_diffrn_detector.number_of_axes 
? PIXEL 1 'DECTRIS EIGER X 9M'  ? ? ? ? 2024-06-12 ? ? ? 
? PIXEL 2 'DECTRIS EIGER X 16M' ? ? ? ? 2024-05-08 ? ? ? 
# 
loop_
_diffrn_radiation.collimation 
_diffrn_radiation.diffrn_id 
_diffrn_radiation.filter_edge 
_diffrn_radiation.inhomogeneity 
_diffrn_radiation.monochromator 
_diffrn_radiation.polarisn_norm 
_diffrn_radiation.polarisn_ratio 
_diffrn_radiation.probe 
_diffrn_radiation.type 
_diffrn_radiation.xray_symbol 
_diffrn_radiation.wavelength_id 
_diffrn_radiation.pdbx_monochromatic_or_laue_m_l 
_diffrn_radiation.pdbx_wavelength_list 
_diffrn_radiation.pdbx_wavelength 
_diffrn_radiation.pdbx_diffrn_protocol 
_diffrn_radiation.pdbx_analyzer 
_diffrn_radiation.pdbx_scattering_type 
? 1 ? ? ? ? ? ? ? ? 1 M ? ? 'SINGLE WAVELENGTH' ? x-ray 
? 2 ? ? ? ? ? ? ? ? 2 M ? ? 'SINGLE WAVELENGTH' ? x-ray 
# 
loop_
_diffrn_radiation_wavelength.id 
_diffrn_radiation_wavelength.wavelength 
_diffrn_radiation_wavelength.wt 
1 0.688790 1.0 
2 .        1.0 
# 
loop_
_diffrn_source.current 
_diffrn_source.details 
_diffrn_source.diffrn_id 
_diffrn_source.power 
_diffrn_source.size 
_diffrn_source.source 
_diffrn_source.target 
_diffrn_source.type 
_diffrn_source.voltage 
_diffrn_source.take-off_angle 
_diffrn_source.pdbx_wavelength_list 
_diffrn_source.pdbx_wavelength 
_diffrn_source.pdbx_synchrotron_beamline 
_diffrn_source.pdbx_synchrotron_site 
? ? 1 ? ? SYNCHROTRON ? 'NSLS-II BEAMLINE 17-ID-1' ? ? 0.688790 ? 17-ID-1 NSLS-II  
? ? 2 ? ? SYNCHROTRON ? 'MAX IV BEAMLINE BioMAX'   ? ? 0.688790 ? BioMAX  'MAX IV' 
# 
_reflns.B_iso_Wilson_estimate                          15.83 
_reflns.entry_id                                       9EHP 
_reflns.data_reduction_details                         ? 
_reflns.data_reduction_method                          ? 
_reflns.d_resolution_high                              1.67 
_reflns.d_resolution_low                               15.45 
_reflns.details                                        ? 
_reflns.limit_h_max                                    ? 
_reflns.limit_h_min                                    ? 
_reflns.limit_k_max                                    ? 
_reflns.limit_k_min                                    ? 
_reflns.limit_l_max                                    ? 
_reflns.limit_l_min                                    ? 
_reflns.number_all                                     ? 
_reflns.number_obs                                     1336 
_reflns.observed_criterion                             ? 
_reflns.observed_criterion_F_max                       ? 
_reflns.observed_criterion_F_min                       ? 
_reflns.observed_criterion_I_max                       ? 
_reflns.observed_criterion_I_min                       ? 
_reflns.observed_criterion_sigma_F                     ? 
_reflns.observed_criterion_sigma_I                     ? 
_reflns.percent_possible_obs                           98.09 
_reflns.R_free_details                                 ? 
_reflns.Rmerge_F_all                                   ? 
_reflns.Rmerge_F_obs                                   ? 
_reflns.Friedel_coverage                               ? 
_reflns.number_gt                                      ? 
_reflns.threshold_expression                           ? 
_reflns.pdbx_redundancy                                3.5 
_reflns.pdbx_netI_over_av_sigmaI                       ? 
_reflns.pdbx_netI_over_sigmaI                          7.38 
_reflns.pdbx_res_netI_over_av_sigmaI_2                 ? 
_reflns.pdbx_res_netI_over_sigmaI_2                    ? 
_reflns.pdbx_chi_squared                               ? 
_reflns.pdbx_scaling_rejects                           ? 
_reflns.pdbx_d_res_high_opt                            ? 
_reflns.pdbx_d_res_low_opt                             ? 
_reflns.pdbx_d_res_opt_method                          ? 
_reflns.phase_calculation_details                      ? 
_reflns.pdbx_Rrim_I_all                                ? 
_reflns.pdbx_Rpim_I_all                                ? 
_reflns.pdbx_d_opt                                     ? 
_reflns.pdbx_number_measured_all                       ? 
_reflns.pdbx_diffrn_id                                 1 
_reflns.pdbx_ordinal                                   1 
_reflns.pdbx_CC_half                                   0.992 
_reflns.pdbx_CC_star                                   ? 
_reflns.pdbx_R_split                                   ? 
_reflns.pdbx_Rmerge_I_obs                              ? 
_reflns.pdbx_Rmerge_I_all                              ? 
_reflns.pdbx_Rsym_value                                ? 
_reflns.pdbx_CC_split_method                           ? 
_reflns.pdbx_aniso_diffraction_limit_axis_1_ortho[1]   ? 
_reflns.pdbx_aniso_diffraction_limit_axis_1_ortho[2]   ? 
_reflns.pdbx_aniso_diffraction_limit_axis_1_ortho[3]   ? 
_reflns.pdbx_aniso_diffraction_limit_axis_2_ortho[1]   ? 
_reflns.pdbx_aniso_diffraction_limit_axis_2_ortho[2]   ? 
_reflns.pdbx_aniso_diffraction_limit_axis_2_ortho[3]   ? 
_reflns.pdbx_aniso_diffraction_limit_axis_3_ortho[1]   ? 
_reflns.pdbx_aniso_diffraction_limit_axis_3_ortho[2]   ? 
_reflns.pdbx_aniso_diffraction_limit_axis_3_ortho[3]   ? 
_reflns.pdbx_aniso_diffraction_limit_1                 ? 
_reflns.pdbx_aniso_diffraction_limit_2                 ? 
_reflns.pdbx_aniso_diffraction_limit_3                 ? 
_reflns.pdbx_aniso_B_tensor_eigenvector_1_ortho[1]     ? 
_reflns.pdbx_aniso_B_tensor_eigenvector_1_ortho[2]     ? 
_reflns.pdbx_aniso_B_tensor_eigenvector_1_ortho[3]     ? 
_reflns.pdbx_aniso_B_tensor_eigenvector_2_ortho[1]     ? 
_reflns.pdbx_aniso_B_tensor_eigenvector_2_ortho[2]     ? 
_reflns.pdbx_aniso_B_tensor_eigenvector_2_ortho[3]     ? 
_reflns.pdbx_aniso_B_tensor_eigenvector_3_ortho[1]     ? 
_reflns.pdbx_aniso_B_tensor_eigenvector_3_ortho[2]     ? 
_reflns.pdbx_aniso_B_tensor_eigenvector_3_ortho[3]     ? 
_reflns.pdbx_aniso_B_tensor_eigenvalue_1               ? 
_reflns.pdbx_aniso_B_tensor_eigenvalue_2               ? 
_reflns.pdbx_aniso_B_tensor_eigenvalue_3               ? 
_reflns.pdbx_orthogonalization_convention              ? 
_reflns.pdbx_percent_possible_ellipsoidal              ? 
_reflns.pdbx_percent_possible_spherical                ? 
_reflns.pdbx_percent_possible_ellipsoidal_anomalous    ? 
_reflns.pdbx_percent_possible_spherical_anomalous      ? 
_reflns.pdbx_redundancy_anomalous                      ? 
_reflns.pdbx_CC_half_anomalous                         ? 
_reflns.pdbx_absDiff_over_sigma_anomalous              ? 
_reflns.pdbx_percent_possible_anomalous                ? 
_reflns.pdbx_observed_signal_threshold                 ? 
_reflns.pdbx_signal_type                               ? 
_reflns.pdbx_signal_details                            ? 
_reflns.pdbx_signal_software_id                        ? 
# 
_reflns_shell.d_res_high                                    1.67 
_reflns_shell.d_res_low                                     1.73 
_reflns_shell.meanI_over_sigI_all                           ? 
_reflns_shell.meanI_over_sigI_obs                           ? 
_reflns_shell.number_measured_all                           ? 
_reflns_shell.number_measured_obs                           ? 
_reflns_shell.number_possible                               ? 
_reflns_shell.number_unique_all                             ? 
_reflns_shell.number_unique_obs                             119 
_reflns_shell.percent_possible_obs                          ? 
_reflns_shell.Rmerge_F_all                                  ? 
_reflns_shell.Rmerge_F_obs                                  ? 
_reflns_shell.meanI_over_sigI_gt                            ? 
_reflns_shell.meanI_over_uI_all                             ? 
_reflns_shell.meanI_over_uI_gt                              ? 
_reflns_shell.number_measured_gt                            ? 
_reflns_shell.number_unique_gt                              ? 
_reflns_shell.percent_possible_gt                           ? 
_reflns_shell.Rmerge_F_gt                                   ? 
_reflns_shell.Rmerge_I_gt                                   ? 
_reflns_shell.pdbx_redundancy                               ? 
_reflns_shell.pdbx_chi_squared                              ? 
_reflns_shell.pdbx_netI_over_sigmaI_all                     ? 
_reflns_shell.pdbx_netI_over_sigmaI_obs                     ? 
_reflns_shell.pdbx_Rrim_I_all                               ? 
_reflns_shell.pdbx_Rpim_I_all                               ? 
_reflns_shell.pdbx_rejects                                  ? 
_reflns_shell.pdbx_ordinal                                  1 
_reflns_shell.pdbx_diffrn_id                                1 
_reflns_shell.pdbx_CC_half                                  0.854 
_reflns_shell.pdbx_CC_star                                  ? 
_reflns_shell.pdbx_R_split                                  ? 
_reflns_shell.percent_possible_all                          ? 
_reflns_shell.Rmerge_I_all                                  ? 
_reflns_shell.Rmerge_I_obs                                  ? 
_reflns_shell.pdbx_Rsym_value                               ? 
_reflns_shell.pdbx_percent_possible_ellipsoidal             ? 
_reflns_shell.pdbx_percent_possible_spherical               ? 
_reflns_shell.pdbx_percent_possible_ellipsoidal_anomalous   ? 
_reflns_shell.pdbx_percent_possible_spherical_anomalous     ? 
_reflns_shell.pdbx_redundancy_anomalous                     ? 
_reflns_shell.pdbx_CC_half_anomalous                        ? 
_reflns_shell.pdbx_absDiff_over_sigma_anomalous             ? 
_reflns_shell.pdbx_percent_possible_anomalous               ? 
# 
_refine.aniso_B[1][1]                            ? 
_refine.aniso_B[1][2]                            ? 
_refine.aniso_B[1][3]                            ? 
_refine.aniso_B[2][2]                            ? 
_refine.aniso_B[2][3]                            ? 
_refine.aniso_B[3][3]                            ? 
_refine.B_iso_max                                ? 
_refine.B_iso_mean                               19.65 
_refine.B_iso_min                                ? 
_refine.correlation_coeff_Fo_to_Fc               ? 
_refine.correlation_coeff_Fo_to_Fc_free          ? 
_refine.details                                  ? 
_refine.diff_density_max                         ? 
_refine.diff_density_max_esd                     ? 
_refine.diff_density_min                         ? 
_refine.diff_density_min_esd                     ? 
_refine.diff_density_rms                         ? 
_refine.diff_density_rms_esd                     ? 
_refine.entry_id                                 9EHP 
_refine.pdbx_refine_id                           'X-RAY DIFFRACTION' 
_refine.ls_abs_structure_details                 ? 
_refine.ls_abs_structure_Flack                   ? 
_refine.ls_abs_structure_Flack_esd               ? 
_refine.ls_abs_structure_Rogers                  ? 
_refine.ls_abs_structure_Rogers_esd              ? 
_refine.ls_d_res_high                            1.67 
_refine.ls_d_res_low                             15.45 
_refine.ls_extinction_coef                       ? 
_refine.ls_extinction_coef_esd                   ? 
_refine.ls_extinction_expression                 ? 
_refine.ls_extinction_method                     ? 
_refine.ls_goodness_of_fit_all                   ? 
_refine.ls_goodness_of_fit_all_esd               ? 
_refine.ls_goodness_of_fit_obs                   ? 
_refine.ls_goodness_of_fit_obs_esd               ? 
_refine.ls_hydrogen_treatment                    ? 
_refine.ls_matrix_type                           ? 
_refine.ls_number_constraints                    ? 
_refine.ls_number_parameters                     ? 
_refine.ls_number_reflns_all                     ? 
_refine.ls_number_reflns_obs                     1336 
_refine.ls_number_reflns_R_free                  264 
_refine.ls_number_reflns_R_work                  2351 
_refine.ls_number_restraints                     ? 
_refine.ls_percent_reflns_obs                    96.07 
_refine.ls_percent_reflns_R_free                 10.10 
_refine.ls_R_factor_all                          ? 
_refine.ls_R_factor_obs                          0.2050 
_refine.ls_R_factor_R_free                       0.2491 
_refine.ls_R_factor_R_free_error                 ? 
_refine.ls_R_factor_R_free_error_details         ? 
_refine.ls_R_factor_R_work                       0.2000 
_refine.ls_R_Fsqd_factor_obs                     ? 
_refine.ls_R_I_factor_obs                        ? 
_refine.ls_redundancy_reflns_all                 ? 
_refine.ls_redundancy_reflns_obs                 ? 
_refine.ls_restrained_S_all                      ? 
_refine.ls_restrained_S_obs                      ? 
_refine.ls_shift_over_esd_max                    ? 
_refine.ls_shift_over_esd_mean                   ? 
_refine.ls_structure_factor_coef                 ? 
_refine.ls_weighting_details                     ? 
_refine.ls_weighting_scheme                      ? 
_refine.ls_wR_factor_all                         ? 
_refine.ls_wR_factor_obs                         ? 
_refine.ls_wR_factor_R_free                      ? 
_refine.ls_wR_factor_R_work                      ? 
_refine.occupancy_max                            ? 
_refine.occupancy_min                            ? 
_refine.solvent_model_details                    'FLAT BULK SOLVENT MODEL' 
_refine.solvent_model_param_bsol                 ? 
_refine.solvent_model_param_ksol                 ? 
_refine.pdbx_R_complete                          ? 
_refine.ls_R_factor_gt                           ? 
_refine.ls_goodness_of_fit_gt                    ? 
_refine.ls_goodness_of_fit_ref                   ? 
_refine.ls_shift_over_su_max                     ? 
_refine.ls_shift_over_su_max_lt                  ? 
_refine.ls_shift_over_su_mean                    ? 
_refine.ls_shift_over_su_mean_lt                 ? 
_refine.pdbx_ls_sigma_I                          ? 
_refine.pdbx_ls_sigma_F                          2.01 
_refine.pdbx_ls_sigma_Fsqd                       ? 
_refine.pdbx_data_cutoff_high_absF               ? 
_refine.pdbx_data_cutoff_high_rms_absF           ? 
_refine.pdbx_data_cutoff_low_absF                ? 
_refine.pdbx_isotropic_thermal_model             ? 
_refine.pdbx_ls_cross_valid_method               'FREE R-VALUE' 
_refine.pdbx_method_to_determine_struct          'MOLECULAR REPLACEMENT' 
_refine.pdbx_starting_model                      ? 
_refine.pdbx_stereochemistry_target_values       'GeoStd + Monomer Library + CDL v1.2' 
_refine.pdbx_R_Free_selection_details            ? 
_refine.pdbx_stereochem_target_val_spec_case     ? 
_refine.pdbx_overall_ESU_R                       ? 
_refine.pdbx_overall_ESU_R_Free                  ? 
_refine.pdbx_solvent_vdw_probe_radii             1.1000 
_refine.pdbx_solvent_ion_probe_radii             ? 
_refine.pdbx_solvent_shrinkage_radii             0.9000 
_refine.pdbx_real_space_R                        ? 
_refine.pdbx_density_correlation                 ? 
_refine.pdbx_pd_number_of_powder_patterns        ? 
_refine.pdbx_pd_number_of_points                 ? 
_refine.pdbx_pd_meas_number_of_points            ? 
_refine.pdbx_pd_proc_ls_prof_R_factor            ? 
_refine.pdbx_pd_proc_ls_prof_wR_factor           ? 
_refine.pdbx_pd_Marquardt_correlation_coeff      ? 
_refine.pdbx_pd_Fsqrd_R_factor                   ? 
_refine.pdbx_pd_ls_matrix_band_width             ? 
_refine.pdbx_overall_phase_error                 21.6890 
_refine.pdbx_overall_SU_R_free_Cruickshank_DPI   ? 
_refine.pdbx_overall_SU_R_free_Blow_DPI          ? 
_refine.pdbx_overall_SU_R_Blow_DPI               ? 
_refine.pdbx_TLS_residual_ADP_flag               ? 
_refine.pdbx_diffrn_id                           1 
_refine.overall_SU_B                             ? 
_refine.overall_SU_ML                            0.1476 
_refine.overall_SU_R_Cruickshank_DPI             ? 
_refine.overall_SU_R_free                        ? 
_refine.overall_FOM_free_R_set                   ? 
_refine.overall_FOM_work_R_set                   ? 
_refine.pdbx_average_fsc_overall                 ? 
_refine.pdbx_average_fsc_work                    ? 
_refine.pdbx_average_fsc_free                    ? 
# 
_refine_hist.pdbx_refine_id                   'X-RAY DIFFRACTION' 
_refine_hist.cycle_id                         LAST 
_refine_hist.details                          ? 
_refine_hist.d_res_high                       1.67 
_refine_hist.d_res_low                        15.45 
_refine_hist.number_atoms_solvent             6 
_refine_hist.number_atoms_total               149 
_refine_hist.number_reflns_all                ? 
_refine_hist.number_reflns_obs                ? 
_refine_hist.number_reflns_R_free             ? 
_refine_hist.number_reflns_R_work             ? 
_refine_hist.R_factor_all                     ? 
_refine_hist.R_factor_obs                     ? 
_refine_hist.R_factor_R_free                  ? 
_refine_hist.R_factor_R_work                  ? 
_refine_hist.pdbx_number_residues_total       ? 
_refine_hist.pdbx_B_iso_mean_ligand           ? 
_refine_hist.pdbx_B_iso_mean_solvent          ? 
_refine_hist.pdbx_number_atoms_protein        134 
_refine_hist.pdbx_number_atoms_nucleic_acid   0 
_refine_hist.pdbx_number_atoms_ligand         9 
_refine_hist.pdbx_number_atoms_lipid          ? 
_refine_hist.pdbx_number_atoms_carb           ? 
_refine_hist.pdbx_pseudo_atom_details         ? 
# 
loop_
_refine_ls_restr.pdbx_refine_id 
_refine_ls_restr.criterion 
_refine_ls_restr.dev_ideal 
_refine_ls_restr.dev_ideal_target 
_refine_ls_restr.number 
_refine_ls_restr.rejects 
_refine_ls_restr.type 
_refine_ls_restr.weight 
_refine_ls_restr.pdbx_restraint_function 
'X-RAY DIFFRACTION' ? 0.0088  ? 138 ? f_bond_d           ? ? 
'X-RAY DIFFRACTION' ? 1.5685  ? 192 ? f_angle_d          ? ? 
'X-RAY DIFFRACTION' ? 0.0399  ? 18  ? f_chiral_restr     ? ? 
'X-RAY DIFFRACTION' ? 0.0115  ? 20  ? f_plane_restr      ? ? 
'X-RAY DIFFRACTION' ? 24.7736 ? 22  ? f_dihedral_angle_d ? ? 
# 
loop_
_refine_ls_shell.pdbx_refine_id 
_refine_ls_shell.d_res_high 
_refine_ls_shell.d_res_low 
_refine_ls_shell.number_reflns_all 
_refine_ls_shell.number_reflns_obs 
_refine_ls_shell.number_reflns_R_free 
_refine_ls_shell.number_reflns_R_work 
_refine_ls_shell.percent_reflns_obs 
_refine_ls_shell.percent_reflns_R_free 
_refine_ls_shell.R_factor_all 
_refine_ls_shell.R_factor_obs 
_refine_ls_shell.R_factor_R_free_error 
_refine_ls_shell.R_factor_R_work 
_refine_ls_shell.redundancy_reflns_all 
_refine_ls_shell.redundancy_reflns_obs 
_refine_ls_shell.wR_factor_all 
_refine_ls_shell.wR_factor_obs 
_refine_ls_shell.wR_factor_R_free 
_refine_ls_shell.wR_factor_R_work 
_refine_ls_shell.pdbx_R_complete 
_refine_ls_shell.pdbx_total_number_of_bins_used 
_refine_ls_shell.pdbx_phase_error 
_refine_ls_shell.pdbx_fsc_work 
_refine_ls_shell.pdbx_fsc_free 
_refine_ls_shell.R_factor_R_free 
'X-RAY DIFFRACTION' 1.67 2.10  . . 132 1167 96.36 . . . . 0.2621 . . . . . . . . . . . 0.2983 
'X-RAY DIFFRACTION' 2.11 15.45 . . 132 1184 95.78 . . . . 0.1791 . . . . . . . . . . . 0.2324 
# 
_struct.entry_id                     9EHP 
_struct.title                        'Co-MAHF-9 A8C Metal Alpha-Helix Framework' 
_struct.pdbx_model_details           ? 
_struct.pdbx_formula_weight          ? 
_struct.pdbx_formula_weight_method   ? 
_struct.pdbx_model_type_details      ? 
_struct.pdbx_CASP_flag               N 
# 
_struct_keywords.entry_id        9EHP 
_struct_keywords.text            'synthetic construct, DE NOVO PROTEIN' 
_struct_keywords.pdbx_keywords   'DE NOVO PROTEIN' 
# 
loop_
_struct_asym.id 
_struct_asym.pdbx_blank_PDB_chainid_flag 
_struct_asym.pdbx_modified 
_struct_asym.entity_id 
_struct_asym.details 
A N N 1 ? 
B N N 1 ? 
C N N 2 ? 
D N N 3 ? 
E N N 3 ? 
# 
_struct_ref.id                         1 
_struct_ref.db_name                    PDB 
_struct_ref.db_code                    9EHP 
_struct_ref.pdbx_db_accession          9EHP 
_struct_ref.pdbx_db_isoform            ? 
_struct_ref.entity_id                  1 
_struct_ref.pdbx_seq_one_letter_code   ? 
_struct_ref.pdbx_align_begin           1 
# 
loop_
_struct_ref_seq.align_id 
_struct_ref_seq.ref_id 
_struct_ref_seq.pdbx_PDB_id_code 
_struct_ref_seq.pdbx_strand_id 
_struct_ref_seq.seq_align_beg 
_struct_ref_seq.pdbx_seq_align_beg_ins_code 
_struct_ref_seq.seq_align_end 
_struct_ref_seq.pdbx_seq_align_end_ins_code 
_struct_ref_seq.pdbx_db_accession 
_struct_ref_seq.db_align_beg 
_struct_ref_seq.pdbx_db_align_beg_ins_code 
_struct_ref_seq.db_align_end 
_struct_ref_seq.pdbx_db_align_end_ins_code 
_struct_ref_seq.pdbx_auth_seq_align_beg 
_struct_ref_seq.pdbx_auth_seq_align_end 
1 1 9EHP B 1 ? 11 ? 9EHP 1 ? 11 ? 1 11 
2 1 9EHP A 1 ? 11 ? 9EHP 1 ? 11 ? 1 11 
# 
loop_
_pdbx_struct_assembly.id 
_pdbx_struct_assembly.details 
_pdbx_struct_assembly.method_details 
_pdbx_struct_assembly.oligomeric_details 
_pdbx_struct_assembly.oligomeric_count 
1 author_defined_assembly ? monomeric 1 
2 author_defined_assembly ? monomeric 1 
# 
loop_
_pdbx_struct_assembly_gen.assembly_id 
_pdbx_struct_assembly_gen.oper_expression 
_pdbx_struct_assembly_gen.asym_id_list 
1 1 A,D   
2 1 B,C,E 
# 
_pdbx_struct_assembly_auth_evidence.id                     1 
_pdbx_struct_assembly_auth_evidence.assembly_id            1 
_pdbx_struct_assembly_auth_evidence.experimental_support   none 
_pdbx_struct_assembly_auth_evidence.details                ? 
# 
_pdbx_struct_oper_list.id                   1 
_pdbx_struct_oper_list.type                 'identity operation' 
_pdbx_struct_oper_list.name                 1_555 
_pdbx_struct_oper_list.symmetry_operation   x,y,z 
_pdbx_struct_oper_list.matrix[1][1]         1.0000000000 
_pdbx_struct_oper_list.matrix[1][2]         0.0000000000 
_pdbx_struct_oper_list.matrix[1][3]         0.0000000000 
_pdbx_struct_oper_list.vector[1]            0.0000000000 
_pdbx_struct_oper_list.matrix[2][1]         0.0000000000 
_pdbx_struct_oper_list.matrix[2][2]         1.0000000000 
_pdbx_struct_oper_list.matrix[2][3]         0.0000000000 
_pdbx_struct_oper_list.vector[2]            0.0000000000 
_pdbx_struct_oper_list.matrix[3][1]         0.0000000000 
_pdbx_struct_oper_list.matrix[3][2]         0.0000000000 
_pdbx_struct_oper_list.matrix[3][3]         1.0000000000 
_pdbx_struct_oper_list.vector[3]            0.0000000000 
# 
loop_
_struct_conf.conf_type_id 
_struct_conf.id 
_struct_conf.pdbx_PDB_helix_id 
_struct_conf.beg_label_comp_id 
_struct_conf.beg_label_asym_id 
_struct_conf.beg_label_seq_id 
_struct_conf.pdbx_beg_PDB_ins_code 
_struct_conf.end_label_comp_id 
_struct_conf.end_label_asym_id 
_struct_conf.end_label_seq_id 
_struct_conf.pdbx_end_PDB_ins_code 
_struct_conf.beg_auth_comp_id 
_struct_conf.beg_auth_asym_id 
_struct_conf.beg_auth_seq_id 
_struct_conf.end_auth_comp_id 
_struct_conf.end_auth_asym_id 
_struct_conf.end_auth_seq_id 
_struct_conf.pdbx_PDB_helix_class 
_struct_conf.details 
_struct_conf.pdbx_PDB_helix_length 
HELX_P HELX_P1 AA1 LEU A 2 ? LEU A 10 ? LEU B 2 LEU B 10 1 ? 9 
HELX_P HELX_P2 AA2 LEU B 2 ? LEU B 10 ? LEU A 2 LEU A 10 1 ? 9 
# 
_struct_conf_type.id          HELX_P 
_struct_conf_type.criteria    ? 
_struct_conf_type.reference   ? 
# 
loop_
_struct_conn.id 
_struct_conn.conn_type_id 
_struct_conn.pdbx_leaving_atom_flag 
_struct_conn.pdbx_PDB_id 
_struct_conn.ptnr1_label_asym_id 
_struct_conn.ptnr1_label_comp_id 
_struct_conn.ptnr1_label_seq_id 
_struct_conn.ptnr1_label_atom_id 
_struct_conn.pdbx_ptnr1_label_alt_id 
_struct_conn.pdbx_ptnr1_PDB_ins_code 
_struct_conn.pdbx_ptnr1_standard_comp_id 
_struct_conn.ptnr1_symmetry 
_struct_conn.ptnr2_label_asym_id 
_struct_conn.ptnr2_label_comp_id 
_struct_conn.ptnr2_label_seq_id 
_struct_conn.ptnr2_label_atom_id 
_struct_conn.pdbx_ptnr2_label_alt_id 
_struct_conn.pdbx_ptnr2_PDB_ins_code 
_struct_conn.ptnr1_auth_asym_id 
_struct_conn.ptnr1_auth_comp_id 
_struct_conn.ptnr1_auth_seq_id 
_struct_conn.ptnr2_auth_asym_id 
_struct_conn.ptnr2_auth_comp_id 
_struct_conn.ptnr2_auth_seq_id 
_struct_conn.ptnr2_symmetry 
_struct_conn.pdbx_ptnr3_label_atom_id 
_struct_conn.pdbx_ptnr3_label_seq_id 
_struct_conn.pdbx_ptnr3_label_comp_id 
_struct_conn.pdbx_ptnr3_label_asym_id 
_struct_conn.pdbx_ptnr3_label_alt_id 
_struct_conn.pdbx_ptnr3_PDB_ins_code 
_struct_conn.details 
_struct_conn.pdbx_dist_value 
_struct_conn.pdbx_value_order 
_struct_conn.pdbx_role 
covale1  covale both ? A ACE 1  C   ? ? ? 1_555 A LEU 2  N  ? ? B ACE 1  B LEU 2   1_555 ? ? ? ? ? ? ? 1.430 ? ? 
covale2  covale both ? A LEU 2  C   ? ? ? 1_555 A AIB 3  N  ? ? B LEU 2  B AIB 3   1_555 ? ? ? ? ? ? ? 1.333 ? ? 
covale3  covale both ? A AIB 3  C   ? ? ? 1_555 A GLU 4  N  ? ? B AIB 3  B GLU 4   1_555 ? ? ? ? ? ? ? 1.324 ? ? 
covale4  covale both ? A GLU 4  C   ? ? ? 1_555 A AIB 5  N  ? ? B GLU 4  B AIB 5   1_555 ? ? ? ? ? ? ? 1.329 ? ? 
covale5  covale both ? A AIB 5  C   ? ? ? 1_555 A LEU 6  N  ? ? B AIB 5  B LEU 6   1_555 ? ? ? ? ? ? ? 1.326 ? ? 
covale6  covale both ? A CYS 8  C   ? ? ? 1_555 A AIB 9  N  ? ? B CYS 8  B AIB 9   1_555 ? ? ? ? ? ? ? 1.324 ? ? 
covale7  covale both ? A AIB 9  C   ? ? ? 1_555 A LEU 10 N  ? ? B AIB 9  B LEU 10  1_555 ? ? ? ? ? ? ? 1.329 ? ? 
covale8  covale both ? A LEU 10 C   ? ? ? 1_555 A NH2 11 N  ? ? B LEU 10 B NH2 11  1_555 ? ? ? ? ? ? ? 1.431 ? ? 
covale9  covale both ? B ACE 1  C   ? ? ? 1_555 B LEU 2  N  ? ? A ACE 1  A LEU 2   1_555 ? ? ? ? ? ? ? 1.428 ? ? 
covale10 covale both ? B LEU 2  C   ? ? ? 1_555 B AIB 3  N  ? ? A LEU 2  A AIB 3   1_555 ? ? ? ? ? ? ? 1.332 ? ? 
covale11 covale both ? B AIB 3  C   ? ? ? 1_555 B GLU 4  N  ? ? A AIB 3  A GLU 4   1_555 ? ? ? ? ? ? ? 1.332 ? ? 
covale12 covale both ? B GLU 4  C   ? ? ? 1_555 B AIB 5  N  ? ? A GLU 4  A AIB 5   1_555 ? ? ? ? ? ? ? 1.325 ? ? 
covale13 covale both ? B AIB 5  C   ? ? ? 1_555 B LEU 6  N  ? ? A AIB 5  A LEU 6   1_555 ? ? ? ? ? ? ? 1.329 ? ? 
covale14 covale both ? B CYS 8  C   ? ? ? 1_555 B AIB 9  N  ? ? A CYS 8  A AIB 9   1_555 ? ? ? ? ? ? ? 1.330 ? ? 
covale15 covale both ? B AIB 9  C   ? ? ? 1_555 B LEU 10 N  ? ? A AIB 9  A LEU 10  1_555 ? ? ? ? ? ? ? 1.324 ? ? 
covale16 covale both ? B LEU 10 C   ? ? ? 1_555 B NH2 11 N  ? ? A LEU 10 A NH2 11  1_555 ? ? ? ? ? ? ? 1.429 ? ? 
metalc1  metalc ?    ? A HIS 7  NE2 ? ? ? 1_555 C CO  .  CO ? ? B HIS 7  A CO  101 1_655 ? ? ? ? ? ? ? 1.997 ? ? 
metalc2  metalc ?    ? B HIS 7  NE2 ? ? ? 1_555 C CO  .  CO ? ? A HIS 7  A CO  101 1_655 ? ? ? ? ? ? ? 2.128 ? ? 
# 
loop_
_struct_conn_type.id 
_struct_conn_type.criteria 
_struct_conn_type.reference 
covale ? ? 
metalc ? ? 
# 
_pdbx_struct_conn_angle.id                    1 
_pdbx_struct_conn_angle.ptnr1_label_atom_id   NE2 
_pdbx_struct_conn_angle.ptnr1_label_alt_id    ? 
_pdbx_struct_conn_angle.ptnr1_label_asym_id   A 
_pdbx_struct_conn_angle.ptnr1_label_comp_id   HIS 
_pdbx_struct_conn_angle.ptnr1_label_seq_id    7 
_pdbx_struct_conn_angle.ptnr1_auth_atom_id    ? 
_pdbx_struct_conn_angle.ptnr1_auth_asym_id    B 
_pdbx_struct_conn_angle.ptnr1_auth_comp_id    HIS 
_pdbx_struct_conn_angle.ptnr1_auth_seq_id     7 
_pdbx_struct_conn_angle.ptnr1_PDB_ins_code    ? 
_pdbx_struct_conn_angle.ptnr1_symmetry        1_555 
_pdbx_struct_conn_angle.ptnr2_label_atom_id   CO 
_pdbx_struct_conn_angle.ptnr2_label_alt_id    ? 
_pdbx_struct_conn_angle.ptnr2_label_asym_id   C 
_pdbx_struct_conn_angle.ptnr2_label_comp_id   CO 
_pdbx_struct_conn_angle.ptnr2_label_seq_id    . 
_pdbx_struct_conn_angle.ptnr2_auth_atom_id    ? 
_pdbx_struct_conn_angle.ptnr2_auth_asym_id    A 
_pdbx_struct_conn_angle.ptnr2_auth_comp_id    CO 
_pdbx_struct_conn_angle.ptnr2_auth_seq_id     101 
_pdbx_struct_conn_angle.ptnr2_PDB_ins_code    ? 
_pdbx_struct_conn_angle.ptnr2_symmetry        1_655 
_pdbx_struct_conn_angle.ptnr3_label_atom_id   NE2 
_pdbx_struct_conn_angle.ptnr3_label_alt_id    ? 
_pdbx_struct_conn_angle.ptnr3_label_asym_id   B 
_pdbx_struct_conn_angle.ptnr3_label_comp_id   HIS 
_pdbx_struct_conn_angle.ptnr3_label_seq_id    7 
_pdbx_struct_conn_angle.ptnr3_auth_atom_id    ? 
_pdbx_struct_conn_angle.ptnr3_auth_asym_id    A 
_pdbx_struct_conn_angle.ptnr3_auth_comp_id    HIS 
_pdbx_struct_conn_angle.ptnr3_auth_seq_id     7 
_pdbx_struct_conn_angle.ptnr3_PDB_ins_code    ? 
_pdbx_struct_conn_angle.ptnr3_symmetry        1_555 
_pdbx_struct_conn_angle.value                 103.4 
_pdbx_struct_conn_angle.value_esd             ? 
# 
loop_
_pdbx_modification_feature.ordinal 
_pdbx_modification_feature.label_comp_id 
_pdbx_modification_feature.label_asym_id 
_pdbx_modification_feature.label_seq_id 
_pdbx_modification_feature.label_alt_id 
_pdbx_modification_feature.modified_residue_label_comp_id 
_pdbx_modification_feature.modified_residue_label_asym_id 
_pdbx_modification_feature.modified_residue_label_seq_id 
_pdbx_modification_feature.modified_residue_label_alt_id 
_pdbx_modification_feature.auth_comp_id 
_pdbx_modification_feature.auth_asym_id 
_pdbx_modification_feature.auth_seq_id 
_pdbx_modification_feature.PDB_ins_code 
_pdbx_modification_feature.symmetry 
_pdbx_modification_feature.modified_residue_auth_comp_id 
_pdbx_modification_feature.modified_residue_auth_asym_id 
_pdbx_modification_feature.modified_residue_auth_seq_id 
_pdbx_modification_feature.modified_residue_PDB_ins_code 
_pdbx_modification_feature.modified_residue_symmetry 
_pdbx_modification_feature.comp_id_linking_atom 
_pdbx_modification_feature.modified_residue_id_linking_atom 
_pdbx_modification_feature.modified_residue_id 
_pdbx_modification_feature.ref_pcm_id 
_pdbx_modification_feature.ref_comp_id 
_pdbx_modification_feature.type 
_pdbx_modification_feature.category 
1  AIB A 3  ? .   . .  . AIB B 3  ? 1_555 .   . .  . .     . . ALA 1  AIB Methylation 'Named protein modification' 
2  AIB A 5  ? .   . .  . AIB B 5  ? 1_555 .   . .  . .     . . ALA 1  AIB Methylation 'Named protein modification' 
3  AIB A 9  ? .   . .  . AIB B 9  ? 1_555 .   . .  . .     . . ALA 1  AIB Methylation 'Named protein modification' 
4  AIB B 3  ? .   . .  . AIB A 3  ? 1_555 .   . .  . .     . . ALA 1  AIB Methylation 'Named protein modification' 
5  AIB B 5  ? .   . .  . AIB A 5  ? 1_555 .   . .  . .     . . ALA 1  AIB Methylation 'Named protein modification' 
6  AIB B 9  ? .   . .  . AIB A 9  ? 1_555 .   . .  . .     . . ALA 1  AIB Methylation 'Named protein modification' 
7  ACE A 1  ? LEU A 2  ? ACE B 1  ? 1_555 LEU B 2  ? 1_555 . . LEU 14 ACE None        'Terminal acetylation'       
8  ACE B 1  ? LEU B 2  ? ACE A 1  ? 1_555 LEU A 2  ? 1_555 . . LEU 14 ACE None        'Terminal acetylation'       
9  NH2 A 11 ? LEU A 10 ? NH2 B 11 ? 1_555 LEU B 10 ? 1_555 . . LEU 14 NH2 None        'Terminal amidation'         
10 NH2 B 11 ? LEU B 10 ? NH2 A 11 ? 1_555 LEU A 10 ? 1_555 . . LEU 14 NH2 None        'Terminal amidation'         
# 
_pdbx_entry_details.entry_id                   9EHP 
_pdbx_entry_details.nonpolymer_details         ? 
_pdbx_entry_details.sequence_details           ? 
_pdbx_entry_details.compound_details           ? 
_pdbx_entry_details.source_details             ? 
_pdbx_entry_details.has_ligand_of_interest     N 
_pdbx_entry_details.has_protein_modification   Y 
# 
loop_
_pdbx_validate_close_contact.id 
_pdbx_validate_close_contact.PDB_model_num 
_pdbx_validate_close_contact.auth_atom_id_1 
_pdbx_validate_close_contact.auth_asym_id_1 
_pdbx_validate_close_contact.auth_comp_id_1 
_pdbx_validate_close_contact.auth_seq_id_1 
_pdbx_validate_close_contact.PDB_ins_code_1 
_pdbx_validate_close_contact.label_alt_id_1 
_pdbx_validate_close_contact.auth_atom_id_2 
_pdbx_validate_close_contact.auth_asym_id_2 
_pdbx_validate_close_contact.auth_comp_id_2 
_pdbx_validate_close_contact.auth_seq_id_2 
_pdbx_validate_close_contact.PDB_ins_code_2 
_pdbx_validate_close_contact.label_alt_id_2 
_pdbx_validate_close_contact.dist 
1 1 N   B NH2 11 ? ? O B HOH 101 ? ? 1.75 
2 1 OE2 B GLU 4  ? ? O B HOH 102 ? ? 2.11 
# 
_pdbx_validate_symm_contact.id                1 
_pdbx_validate_symm_contact.PDB_model_num     1 
_pdbx_validate_symm_contact.auth_atom_id_1    OE1 
_pdbx_validate_symm_contact.auth_asym_id_1    B 
_pdbx_validate_symm_contact.auth_comp_id_1    GLU 
_pdbx_validate_symm_contact.auth_seq_id_1     4 
_pdbx_validate_symm_contact.PDB_ins_code_1    ? 
_pdbx_validate_symm_contact.label_alt_id_1    ? 
_pdbx_validate_symm_contact.site_symmetry_1   1_555 
_pdbx_validate_symm_contact.auth_atom_id_2    O 
_pdbx_validate_symm_contact.auth_asym_id_2    B 
_pdbx_validate_symm_contact.auth_comp_id_2    HOH 
_pdbx_validate_symm_contact.auth_seq_id_2     101 
_pdbx_validate_symm_contact.PDB_ins_code_2    ? 
_pdbx_validate_symm_contact.label_alt_id_2    ? 
_pdbx_validate_symm_contact.site_symmetry_2   1_465 
_pdbx_validate_symm_contact.dist              1.76 
# 
loop_
_pdbx_validate_rmsd_angle.id 
_pdbx_validate_rmsd_angle.PDB_model_num 
_pdbx_validate_rmsd_angle.auth_atom_id_1 
_pdbx_validate_rmsd_angle.auth_asym_id_1 
_pdbx_validate_rmsd_angle.auth_comp_id_1 
_pdbx_validate_rmsd_angle.auth_seq_id_1 
_pdbx_validate_rmsd_angle.PDB_ins_code_1 
_pdbx_validate_rmsd_angle.label_alt_id_1 
_pdbx_validate_rmsd_angle.auth_atom_id_2 
_pdbx_validate_rmsd_angle.auth_asym_id_2 
_pdbx_validate_rmsd_angle.auth_comp_id_2 
_pdbx_validate_rmsd_angle.auth_seq_id_2 
_pdbx_validate_rmsd_angle.PDB_ins_code_2 
_pdbx_validate_rmsd_angle.label_alt_id_2 
_pdbx_validate_rmsd_angle.auth_atom_id_3 
_pdbx_validate_rmsd_angle.auth_asym_id_3 
_pdbx_validate_rmsd_angle.auth_comp_id_3 
_pdbx_validate_rmsd_angle.auth_seq_id_3 
_pdbx_validate_rmsd_angle.PDB_ins_code_3 
_pdbx_validate_rmsd_angle.label_alt_id_3 
_pdbx_validate_rmsd_angle.angle_value 
_pdbx_validate_rmsd_angle.angle_target_value 
_pdbx_validate_rmsd_angle.angle_deviation 
_pdbx_validate_rmsd_angle.angle_standard_deviation 
_pdbx_validate_rmsd_angle.linker_flag 
1 1 O B ACE 1  ? ? C B ACE 1  ? ? N B LEU 2  ? ? 132.36 122.70 9.66   1.60 Y 
2 1 O B LEU 10 ? ? C B LEU 10 ? ? N B NH2 11 ? ? 109.25 122.70 -13.45 1.60 Y 
3 1 O A LEU 10 ? ? C A LEU 10 ? ? N A NH2 11 ? ? 113.05 122.70 -9.65  1.60 Y 
# 
_space_group_symop.id              1 
_space_group_symop.operation_xyz   x,y,z 
# 
loop_
_chem_comp_atom.comp_id 
_chem_comp_atom.atom_id 
_chem_comp_atom.type_symbol 
_chem_comp_atom.pdbx_aromatic_flag 
_chem_comp_atom.pdbx_stereo_config 
_chem_comp_atom.pdbx_ordinal 
ACE C    C  N N 1   
ACE O    O  N N 2   
ACE CH3  C  N N 3   
ACE H    H  N N 4   
ACE H1   H  N N 5   
ACE H2   H  N N 6   
ACE H3   H  N N 7   
AIB N    N  N N 8   
AIB CA   C  N N 9   
AIB C    C  N N 10  
AIB O    O  N N 11  
AIB OXT  O  N N 12  
AIB CB1  C  N N 13  
AIB CB2  C  N N 14  
AIB H    H  N N 15  
AIB H2   H  N N 16  
AIB HXT  H  N N 17  
AIB HB11 H  N N 18  
AIB HB12 H  N N 19  
AIB HB13 H  N N 20  
AIB HB21 H  N N 21  
AIB HB22 H  N N 22  
AIB HB23 H  N N 23  
CO  CO   CO N N 24  
CYS N    N  N N 25  
CYS CA   C  N R 26  
CYS C    C  N N 27  
CYS O    O  N N 28  
CYS CB   C  N N 29  
CYS SG   S  N N 30  
CYS OXT  O  N N 31  
CYS H    H  N N 32  
CYS H2   H  N N 33  
CYS HA   H  N N 34  
CYS HB2  H  N N 35  
CYS HB3  H  N N 36  
CYS HG   H  N N 37  
CYS HXT  H  N N 38  
GLU N    N  N N 39  
GLU CA   C  N S 40  
GLU C    C  N N 41  
GLU O    O  N N 42  
GLU CB   C  N N 43  
GLU CG   C  N N 44  
GLU CD   C  N N 45  
GLU OE1  O  N N 46  
GLU OE2  O  N N 47  
GLU OXT  O  N N 48  
GLU H    H  N N 49  
GLU H2   H  N N 50  
GLU HA   H  N N 51  
GLU HB2  H  N N 52  
GLU HB3  H  N N 53  
GLU HG2  H  N N 54  
GLU HG3  H  N N 55  
GLU HE2  H  N N 56  
GLU HXT  H  N N 57  
HIS N    N  N N 58  
HIS CA   C  N S 59  
HIS C    C  N N 60  
HIS O    O  N N 61  
HIS CB   C  N N 62  
HIS CG   C  Y N 63  
HIS ND1  N  Y N 64  
HIS CD2  C  Y N 65  
HIS CE1  C  Y N 66  
HIS NE2  N  Y N 67  
HIS OXT  O  N N 68  
HIS H    H  N N 69  
HIS H2   H  N N 70  
HIS HA   H  N N 71  
HIS HB2  H  N N 72  
HIS HB3  H  N N 73  
HIS HD1  H  N N 74  
HIS HD2  H  N N 75  
HIS HE1  H  N N 76  
HIS HE2  H  N N 77  
HIS HXT  H  N N 78  
HOH O    O  N N 79  
HOH H1   H  N N 80  
HOH H2   H  N N 81  
LEU N    N  N N 82  
LEU CA   C  N S 83  
LEU C    C  N N 84  
LEU O    O  N N 85  
LEU CB   C  N N 86  
LEU CG   C  N N 87  
LEU CD1  C  N N 88  
LEU CD2  C  N N 89  
LEU OXT  O  N N 90  
LEU H    H  N N 91  
LEU H2   H  N N 92  
LEU HA   H  N N 93  
LEU HB2  H  N N 94  
LEU HB3  H  N N 95  
LEU HG   H  N N 96  
LEU HD11 H  N N 97  
LEU HD12 H  N N 98  
LEU HD13 H  N N 99  
LEU HD21 H  N N 100 
LEU HD22 H  N N 101 
LEU HD23 H  N N 102 
LEU HXT  H  N N 103 
NH2 N    N  N N 104 
NH2 HN1  H  N N 105 
NH2 HN2  H  N N 106 
# 
loop_
_chem_comp_bond.comp_id 
_chem_comp_bond.atom_id_1 
_chem_comp_bond.atom_id_2 
_chem_comp_bond.value_order 
_chem_comp_bond.pdbx_aromatic_flag 
_chem_comp_bond.pdbx_stereo_config 
_chem_comp_bond.pdbx_ordinal 
ACE C   O    doub N N 1  
ACE C   CH3  sing N N 2  
ACE C   H    sing N N 3  
ACE CH3 H1   sing N N 4  
ACE CH3 H2   sing N N 5  
ACE CH3 H3   sing N N 6  
AIB N   CA   sing N N 7  
AIB N   H    sing N N 8  
AIB N   H2   sing N N 9  
AIB CA  C    sing N N 10 
AIB CA  CB1  sing N N 11 
AIB CA  CB2  sing N N 12 
AIB C   O    doub N N 13 
AIB C   OXT  sing N N 14 
AIB OXT HXT  sing N N 15 
AIB CB1 HB11 sing N N 16 
AIB CB1 HB12 sing N N 17 
AIB CB1 HB13 sing N N 18 
AIB CB2 HB21 sing N N 19 
AIB CB2 HB22 sing N N 20 
AIB CB2 HB23 sing N N 21 
CYS N   CA   sing N N 22 
CYS N   H    sing N N 23 
CYS N   H2   sing N N 24 
CYS CA  C    sing N N 25 
CYS CA  CB   sing N N 26 
CYS CA  HA   sing N N 27 
CYS C   O    doub N N 28 
CYS C   OXT  sing N N 29 
CYS CB  SG   sing N N 30 
CYS CB  HB2  sing N N 31 
CYS CB  HB3  sing N N 32 
CYS SG  HG   sing N N 33 
CYS OXT HXT  sing N N 34 
GLU N   CA   sing N N 35 
GLU N   H    sing N N 36 
GLU N   H2   sing N N 37 
GLU CA  C    sing N N 38 
GLU CA  CB   sing N N 39 
GLU CA  HA   sing N N 40 
GLU C   O    doub N N 41 
GLU C   OXT  sing N N 42 
GLU CB  CG   sing N N 43 
GLU CB  HB2  sing N N 44 
GLU CB  HB3  sing N N 45 
GLU CG  CD   sing N N 46 
GLU CG  HG2  sing N N 47 
GLU CG  HG3  sing N N 48 
GLU CD  OE1  doub N N 49 
GLU CD  OE2  sing N N 50 
GLU OE2 HE2  sing N N 51 
GLU OXT HXT  sing N N 52 
HIS N   CA   sing N N 53 
HIS N   H    sing N N 54 
HIS N   H2   sing N N 55 
HIS CA  C    sing N N 56 
HIS CA  CB   sing N N 57 
HIS CA  HA   sing N N 58 
HIS C   O    doub N N 59 
HIS C   OXT  sing N N 60 
HIS CB  CG   sing N N 61 
HIS CB  HB2  sing N N 62 
HIS CB  HB3  sing N N 63 
HIS CG  ND1  sing Y N 64 
HIS CG  CD2  doub Y N 65 
HIS ND1 CE1  doub Y N 66 
HIS ND1 HD1  sing N N 67 
HIS CD2 NE2  sing Y N 68 
HIS CD2 HD2  sing N N 69 
HIS CE1 NE2  sing Y N 70 
HIS CE1 HE1  sing N N 71 
HIS NE2 HE2  sing N N 72 
HIS OXT HXT  sing N N 73 
HOH O   H1   sing N N 74 
HOH O   H2   sing N N 75 
LEU N   CA   sing N N 76 
LEU N   H    sing N N 77 
LEU N   H2   sing N N 78 
LEU CA  C    sing N N 79 
LEU CA  CB   sing N N 80 
LEU CA  HA   sing N N 81 
LEU C   O    doub N N 82 
LEU C   OXT  sing N N 83 
LEU CB  CG   sing N N 84 
LEU CB  HB2  sing N N 85 
LEU CB  HB3  sing N N 86 
LEU CG  CD1  sing N N 87 
LEU CG  CD2  sing N N 88 
LEU CG  HG   sing N N 89 
LEU CD1 HD11 sing N N 90 
LEU CD1 HD12 sing N N 91 
LEU CD1 HD13 sing N N 92 
LEU CD2 HD21 sing N N 93 
LEU CD2 HD22 sing N N 94 
LEU CD2 HD23 sing N N 95 
LEU OXT HXT  sing N N 96 
NH2 N   HN1  sing N N 97 
NH2 N   HN2  sing N N 98 
# 
loop_
_pdbx_audit_support.funding_organization 
_pdbx_audit_support.country 
_pdbx_audit_support.grant_number 
_pdbx_audit_support.ordinal 
'National Institutes of Health/National Institute of General Medical Sciences (NIH/NIGMS)' 'United States' 1R35GM15479301    1 
'Department of Energy (DOE, United States)'                                                'United States' DE-AC02-06CH11357 2 
# 
_pdbx_initial_refinement_model.id               1 
_pdbx_initial_refinement_model.entity_id_list   ? 
_pdbx_initial_refinement_model.type             'experimental model' 
_pdbx_initial_refinement_model.source_name      PDB 
_pdbx_initial_refinement_model.accession_code   7TLS 
_pdbx_initial_refinement_model.details          ? 
# 
_space_group.name_H-M_alt     'P 1' 
_space_group.name_Hall        'P 1' 
_space_group.IT_number        1 
_space_group.crystal_system   triclinic 
_space_group.id               1 
# 
_atom_sites.entry_id                    9EHP 
_atom_sites.Cartn_transf_matrix[1][1]   ? 
_atom_sites.Cartn_transf_matrix[1][2]   ? 
_atom_sites.Cartn_transf_matrix[1][3]   ? 
_atom_sites.Cartn_transf_matrix[2][1]   ? 
_atom_sites.Cartn_transf_matrix[2][2]   ? 
_atom_sites.Cartn_transf_matrix[2][3]   ? 
_atom_sites.Cartn_transf_matrix[3][1]   ? 
_atom_sites.Cartn_transf_matrix[3][2]   ? 
_atom_sites.Cartn_transf_matrix[3][3]   ? 
_atom_sites.Cartn_transf_vector[1]      ? 
_atom_sites.Cartn_transf_vector[2]      ? 
_atom_sites.Cartn_transf_vector[3]      ? 
_atom_sites.Cartn_transform_axes        ? 
_atom_sites.fract_transf_matrix[1][1]   -0.03882324 
_atom_sites.fract_transf_matrix[1][2]   -0.01563973 
_atom_sites.fract_transf_matrix[1][3]   -0.09779162 
_atom_sites.fract_transf_matrix[2][1]   0.00006989 
_atom_sites.fract_transf_matrix[2][2]   0.06398223 
_atom_sites.fract_transf_matrix[2][3]   0.00981495 
_atom_sites.fract_transf_matrix[3][1]   0.04868759 
_atom_sites.fract_transf_matrix[3][2]   -0.00359452 
_atom_sites.fract_transf_matrix[3][3]   -0.01270818 
_atom_sites.fract_transf_vector[1]      -0.001171 
_atom_sites.fract_transf_vector[2]      0.194103 
_atom_sites.fract_transf_vector[3]      0.723624 
_atom_sites.solution_primary            ? 
_atom_sites.solution_secondary          ? 
_atom_sites.solution_hydrogens          ? 
_atom_sites.special_details             ? 
# 
loop_
_atom_type.symbol 
_atom_type.scat_dispersion_real 
_atom_type.scat_dispersion_imag 
_atom_type.scat_Cromer_Mann_a1 
_atom_type.scat_Cromer_Mann_a2 
_atom_type.scat_Cromer_Mann_a3 
_atom_type.scat_Cromer_Mann_a4 
_atom_type.scat_Cromer_Mann_b1 
_atom_type.scat_Cromer_Mann_b2 
_atom_type.scat_Cromer_Mann_b3 
_atom_type.scat_Cromer_Mann_b4 
_atom_type.scat_Cromer_Mann_c 
_atom_type.scat_source 
_atom_type.scat_dispersion_source 
C  ? ? 3.54356  2.42580 ? ? 25.62398 1.50364  ? ? 0.0 
;2-Gaussian fit: Grosse-Kunstleve RW, Sauter NK, Adams PD: Newsletter of the IUCr Commission on Crystallographic Computing 2004, 3, 22-31.
;
? 
CO ? ? 21.85313 5.04979 ? ? 2.45200  36.11361 ? ? 0.0 
;2-Gaussian fit: Grosse-Kunstleve RW, Sauter NK, Adams PD: Newsletter of the IUCr Commission on Crystallographic Computing 2004, 3, 22-31.
;
? 
H  ? ? 0.51345  0.48472 ? ? 24.73122 6.32584  ? ? 0.0 
;2-Gaussian fit: Grosse-Kunstleve RW, Sauter NK, Adams PD: Newsletter of the IUCr Commission on Crystallographic Computing 2004, 3, 22-31.
;
? 
N  ? ? 4.01032  2.96436 ? ? 19.97189 1.75589  ? ? 0.0 
;2-Gaussian fit: Grosse-Kunstleve RW, Sauter NK, Adams PD: Newsletter of the IUCr Commission on Crystallographic Computing 2004, 3, 22-31.
;
? 
O  ? ? 4.49882  3.47563 ? ? 15.80542 1.70748  ? ? 0.0 
;2-Gaussian fit: Grosse-Kunstleve RW, Sauter NK, Adams PD: Newsletter of the IUCr Commission on Crystallographic Computing 2004, 3, 22-31.
;
? 
S  ? ? 9.55732  6.39887 ? ? 1.23737  29.19336 ? ? 0.0 
;2-Gaussian fit: Grosse-Kunstleve RW, Sauter NK, Adams PD: Newsletter of the IUCr Commission on Crystallographic Computing 2004, 3, 22-31.
;
? 
# 
loop_
_atom_site.group_PDB 
_atom_site.id 
_atom_site.type_symbol 
_atom_site.label_atom_id 
_atom_site.label_alt_id 
_atom_site.label_comp_id 
_atom_site.label_asym_id 
_atom_site.label_entity_id 
_atom_site.label_seq_id 
_atom_site.pdbx_PDB_ins_code 
_atom_site.Cartn_x 
_atom_site.Cartn_y 
_atom_site.Cartn_z 
_atom_site.occupancy 
_atom_site.B_iso_or_equiv 
_atom_site.pdbx_formal_charge 
_atom_site.auth_seq_id 
_atom_site.auth_comp_id 
_atom_site.auth_asym_id 
_atom_site.auth_atom_id 
_atom_site.pdbx_PDB_model_num 
HETATM 1   C  C    . ACE A 1 1  ? -3.28208  8.49618   6.06895  1.000 16.30000 ? 1   ACE B C    1 
HETATM 2   O  O    . ACE A 1 1  ? -3.00478  7.33426   5.60570  1.000 17.08000 ? 1   ACE B O    1 
HETATM 3   C  CH3  . ACE A 1 1  ? -2.14210  9.20263   6.82034  1.000 22.41000 ? 1   ACE B CH3  1 
HETATM 4   H  H1   . ACE A 1 1  ? -1.69381  8.58356   7.41756  1.000 26.44000 ? 1   ACE B H1   1 
HETATM 5   H  H2   . ACE A 1 1  ? -1.48848  9.55266   6.19492  1.000 26.44000 ? 1   ACE B H2   1 
HETATM 6   H  H3   . ACE A 1 1  ? -2.48795  9.94023   7.34688  1.000 26.44000 ? 1   ACE B H3   1 
ATOM   7   N  N    . LEU A 1 2  ? -4.19047  9.51304   5.63893  1.000 13.58000 ? 2   LEU B N    1 
ATOM   8   C  CA   . LEU A 1 2  ? -5.36750  8.89277   5.04480  1.000 17.57000 ? 2   LEU B CA   1 
ATOM   9   C  C    . LEU A 1 2  ? -5.09334  8.39222   3.63324  1.000 16.67000 ? 2   LEU B C    1 
ATOM   10  O  O    . LEU A 1 2  ? -5.44229  7.26079   3.29411  1.000 14.18000 ? 2   LEU B O    1 
ATOM   11  C  CB   . LEU A 1 2  ? -6.51694  9.90010   5.02482  1.000 14.19000 ? 2   LEU B CB   1 
ATOM   12  C  CG   . LEU A 1 2  ? -7.72394  9.60613   4.13472  1.000 17.59000 ? 2   LEU B CG   1 
ATOM   13  C  CD1  . LEU A 1 2  ? -8.38542  8.30320   4.56573  1.000 17.72000 ? 2   LEU B CD1  1 
ATOM   14  C  CD2  . LEU A 1 2  ? -8.71102  10.76217  4.15819  1.000 20.90000 ? 2   LEU B CD2  1 
ATOM   15  H  H    . LEU A 1 2  ? -4.30809  10.32087  5.90163  1.000 14.36000 ? 2   LEU B H    1 
ATOM   16  H  HA   . LEU A 1 2  ? -5.62409  8.12399   5.57776  1.000 19.14000 ? 2   LEU B HA   1 
ATOM   17  H  HB2  . LEU A 1 2  ? -6.85366  9.97863   5.93111  1.000 15.09000 ? 2   LEU B HB2  1 
ATOM   18  H  HB3  . LEU A 1 2  ? -6.15604  10.75086  4.73010  1.000 15.09000 ? 2   LEU B HB3  1 
ATOM   19  H  HG   . LEU A 1 2  ? -7.42822  9.50316   3.21665  1.000 19.17000 ? 2   LEU B HG   1 
ATOM   20  H  HD11 . LEU A 1 2  ? -9.15676  8.13874   4.00103  1.000 19.33000 ? 2   LEU B HD11 1 
ATOM   21  H  HD12 . LEU A 1 2  ? -7.74687  7.57898   4.47262  1.000 19.33000 ? 2   LEU B HD12 1 
ATOM   22  H  HD13 . LEU A 1 2  ? -8.66396  8.38162   5.49156  1.000 19.33000 ? 2   LEU B HD13 1 
ATOM   23  H  HD21 . LEU A 1 2  ? -9.46916  10.54158  3.59476  1.000 23.14000 ? 2   LEU B HD21 1 
ATOM   24  H  HD22 . LEU A 1 2  ? -9.00761  10.90571  5.07052  1.000 23.14000 ? 2   LEU B HD22 1 
ATOM   25  H  HD23 . LEU A 1 2  ? -8.27142  11.55962  3.82395  1.000 23.14000 ? 2   LEU B HD23 1 
HETATM 26  N  N    . AIB A 1 3  ? -4.47567  9.23727   2.80833  1.000 15.99000 ? 3   AIB B N    1 
HETATM 27  C  CA   . AIB A 1 3  ? -4.20555  8.87536   1.43155  1.000 20.01000 ? 3   AIB B CA   1 
HETATM 28  C  C    . AIB A 1 3  ? -3.55585  7.48579   1.29304  1.000 20.81000 ? 3   AIB B C    1 
HETATM 29  O  O    . AIB A 1 3  ? -3.95874  6.60685   0.53626  1.000 14.13000 ? 3   AIB B O    1 
HETATM 30  C  CB1  . AIB A 1 3  ? -5.50269  8.79316   0.60204  1.000 16.36000 ? 3   AIB B CB1  1 
HETATM 31  C  CB2  . AIB A 1 3  ? -3.25841  9.87790   0.74853  1.000 21.02000 ? 3   AIB B CB2  1 
ATOM   32  N  N    . GLU A 1 4  ? -2.51511  7.28602   2.08746  1.000 16.75000 ? 4   GLU B N    1 
ATOM   33  C  CA   . GLU A 1 4  ? -1.73016  6.06319   1.98965  1.000 18.59000 ? 4   GLU B CA   1 
ATOM   34  C  C    . GLU A 1 4  ? -2.39623  4.89851   2.70547  1.000 21.39000 ? 4   GLU B C    1 
ATOM   35  O  O    . GLU A 1 4  ? -2.30155  3.76874   2.23723  1.000 17.12000 ? 4   GLU B O    1 
ATOM   36  C  CB   . GLU A 1 4  ? -0.34047  6.33924   2.52542  1.000 25.89000 ? 4   GLU B CB   1 
ATOM   37  C  CG   . GLU A 1 4  ? -0.31416  7.02275   3.86015  1.000 31.91000 ? 4   GLU B CG   1 
ATOM   38  C  CD   . GLU A 1 4  ? 0.04939   8.47085   3.68020  1.000 43.90000 ? 4   GLU B CD   1 
ATOM   39  O  OE1  . GLU A 1 4  ? -0.74586  9.27311   3.18434  1.000 34.80000 ? 4   GLU B OE1  1 
ATOM   40  O  OE2  . GLU A 1 4  ? 1.24229   8.80826   3.80551  1.000 35.07000 ? 4   GLU B OE2  1 
ATOM   41  H  H    . GLU A 1 4  ? -2.24394  7.83894   2.68776  1.000 19.06000 ? 4   GLU B H    1 
ATOM   42  H  HA   . GLU A 1 4  ? -1.65352  5.78442   1.06374  1.000 21.27000 ? 4   GLU B HA   1 
ATOM   43  H  HB2  . GLU A 1 4  ? 0.12802   5.49506   2.61906  1.000 30.03000 ? 4   GLU B HB2  1 
ATOM   44  H  HB3  . GLU A 1 4  ? 0.12631   6.90954   1.89473  1.000 30.03000 ? 4   GLU B HB3  1 
ATOM   45  H  HG2  . GLU A 1 4  ? -1.19012  6.96906   4.27335  1.000 37.25000 ? 4   GLU B HG2  1 
ATOM   46  H  HG3  . GLU A 1 4  ? 0.34814   6.60244   4.43077  1.000 37.25000 ? 4   GLU B HG3  1 
HETATM 47  N  N    . AIB A 1 5  ? -3.08490  5.16354   3.81066  1.000 19.37000 ? 5   AIB B N    1 
HETATM 48  C  CA   . AIB A 1 5  ? -3.89749  4.12684   4.42672  1.000 17.39000 ? 5   AIB B CA   1 
HETATM 49  C  C    . AIB A 1 5  ? -4.87873  3.49370   3.41855  1.000 17.25000 ? 5   AIB B C    1 
HETATM 50  O  O    . AIB A 1 5  ? -5.04667  2.27867   3.28981  1.000 18.80000 ? 5   AIB B O    1 
HETATM 51  C  CB1  . AIB A 1 5  ? -3.03373  2.96727   4.95438  1.000 19.19000 ? 5   AIB B CB1  1 
HETATM 52  C  CB2  . AIB A 1 5  ? -4.75290  4.68208   5.58683  1.000 14.13000 ? 5   AIB B CB2  1 
ATOM   53  N  N    . LEU A 1 6  ? -5.52959  4.37661   2.67389  1.000 15.18000 ? 6   LEU B N    1 
ATOM   54  C  CA   . LEU A 1 6  ? -6.48509  3.97205   1.63918  1.000 17.09000 ? 6   LEU B CA   1 
ATOM   55  C  C    . LEU A 1 6  ? -5.81815  3.21511   0.50494  1.000 17.54000 ? 6   LEU B C    1 
ATOM   56  O  O    . LEU A 1 6  ? -6.34895  2.21702   0.01659  1.000 15.73000 ? 6   LEU B O    1 
ATOM   57  C  CB   . LEU A 1 6  ? -7.18943  5.19873   1.06937  1.000 15.03000 ? 6   LEU B CB   1 
ATOM   58  C  CG   . LEU A 1 6  ? -8.27450  5.02647   -0.00480 1.000 16.40000 ? 6   LEU B CG   1 
ATOM   59  C  CD1  . LEU A 1 6  ? -9.39933  4.12156   0.41571  1.000 12.30000 ? 6   LEU B CD1  1 
ATOM   60  C  CD2  . LEU A 1 6  ? -8.78058  6.41752   -0.42695 1.000 17.79000 ? 6   LEU B CD2  1 
ATOM   61  H  H    . LEU A 1 6  ? -5.43773  5.22870   2.74540  1.000 16.19000 ? 6   LEU B H    1 
ATOM   62  H  HA   . LEU A 1 6  ? -7.13788  3.38164   2.04683  1.000 18.48000 ? 6   LEU B HA   1 
ATOM   63  H  HB2  . LEU A 1 6  ? -7.61379  5.65695   1.81156  1.000 16.01000 ? 6   LEU B HB2  1 
ATOM   64  H  HB3  . LEU A 1 6  ? -6.50707  5.76507   0.67627  1.000 16.01000 ? 6   LEU B HB3  1 
ATOM   65  H  HG   . LEU A 1 6  ? -7.88298  4.57928   -0.77135 1.000 17.66000 ? 6   LEU B HG   1 
ATOM   66  H  HD11 . LEU A 1 6  ? -10.06748 4.10070   -0.28717 1.000 12.74000 ? 6   LEU B HD11 1 
ATOM   67  H  HD12 . LEU A 1 6  ? -9.04823  3.22972   0.56493  1.000 12.74000 ? 6   LEU B HD12 1 
ATOM   68  H  HD13 . LEU A 1 6  ? -9.79101  4.46409   1.23435  1.000 12.74000 ? 6   LEU B HD13 1 
ATOM   69  H  HD21 . LEU A 1 6  ? -9.53880  6.31041   -1.02238 1.000 19.32000 ? 6   LEU B HD21 1 
ATOM   70  H  HD22 . LEU A 1 6  ? -9.04866  6.90971   0.36474  1.000 19.32000 ? 6   LEU B HD22 1 
ATOM   71  H  HD23 . LEU A 1 6  ? -8.06578  6.88860   -0.88307 1.000 19.32000 ? 6   LEU B HD23 1 
ATOM   72  N  N    . HIS A 1 7  ? -4.66815  3.71424   0.05238  1.000 14.47000 ? 7   HIS B N    1 
ATOM   73  C  CA   . HIS A 1 7  ? -3.96412  3.03762   -1.02873 1.000 18.49000 ? 7   HIS B CA   1 
ATOM   74  C  C    . HIS A 1 7  ? -3.55702  1.63063   -0.60789 1.000 21.18000 ? 7   HIS B C    1 
ATOM   75  O  O    . HIS A 1 7  ? -3.61316  0.68683   -1.40868 1.000 20.37000 ? 7   HIS B O    1 
ATOM   76  C  CB   . HIS A 1 7  ? -2.73825  3.84860   -1.44661 1.000 16.81000 ? 7   HIS B CB   1 
ATOM   77  C  CG   . HIS A 1 7  ? -2.06560  3.31189   -2.67605 1.000 15.84000 ? 7   HIS B CG   1 
ATOM   78  N  ND1  . HIS A 1 7  ? -0.96390  3.91447   -3.24058 1.000 29.50000 ? 7   HIS B ND1  1 
ATOM   79  C  CD2  . HIS A 1 7  ? -2.38796  2.27433   -3.47853 1.000 24.87000 ? 7   HIS B CD2  1 
ATOM   80  C  CE1  . HIS A 1 7  ? -0.58794  3.21492   -4.29967 1.000 37.95000 ? 7   HIS B CE1  1 
ATOM   81  N  NE2  . HIS A 1 7  ? -1.44239  2.22953   -4.47835 1.000 27.64000 ? 7   HIS B NE2  1 
ATOM   82  H  H    . HIS A 1 7  ? -4.28526  4.42537   0.34782  1.000 16.10000 ? 7   HIS B H    1 
ATOM   83  H  HA   . HIS A 1 7  ? -4.55163  2.97028   -1.79762 1.000 20.94000 ? 7   HIS B HA   1 
ATOM   84  H  HB2  . HIS A 1 7  ? -3.01279  4.76056   -1.63064 1.000 18.92000 ? 7   HIS B HB2  1 
ATOM   85  H  HB3  . HIS A 1 7  ? -2.09201  3.83623   -0.72334 1.000 18.92000 ? 7   HIS B HB3  1 
ATOM   86  H  HD1  . HIS A 1 7  ? -0.58211  4.62903   -2.95210 1.000 34.14000 ? 7   HIS B HD1  1 
ATOM   87  H  HD2  . HIS A 1 7  ? -3.11146  1.69920   -3.37530 1.000 28.59000 ? 7   HIS B HD2  1 
ATOM   88  H  HE1  . HIS A 1 7  ? 0.15605   3.39041   -4.82937 1.000 44.28000 ? 7   HIS B HE1  1 
ATOM   89  N  N    . CYS A 1 8  ? -3.14235  1.46564   0.65041  1.000 19.13000 ? 8   CYS B N    1 
ATOM   90  C  CA   . CYS A 1 8  ? -2.75194  0.16295   1.18057  1.000 15.72000 ? 8   CYS B CA   1 
ATOM   91  C  C    . CYS A 1 8  ? -3.94628  -0.76705  1.22674  1.000 17.91000 ? 8   CYS B C    1 
ATOM   92  O  O    . CYS A 1 8  ? -3.89555  -1.90989  0.76142  1.000 18.14000 ? 8   CYS B O    1 
ATOM   93  C  CB   . CYS A 1 8  ? -2.15707  0.31581   2.57440  1.000 14.13000 ? 8   CYS B CB   1 
ATOM   94  S  SG   . CYS A 1 8  ? -1.32473  -1.15093  3.19235  1.000 26.18000 ? 8   CYS B SG   1 
ATOM   95  H  H    . CYS A 1 8  ? -3.07820  2.10361   1.22355  1.000 21.15000 ? 8   CYS B H    1 
ATOM   96  H  HA   . CYS A 1 8  ? -2.07643  -0.23116  0.60677  1.000 17.06000 ? 8   CYS B HA   1 
ATOM   97  H  HB2  . CYS A 1 8  ? -1.50736  1.03583   2.55583  1.000 15.14000 ? 8   CYS B HB2  1 
ATOM   98  H  HB3  . CYS A 1 8  ? -2.87216  0.53009   3.19377  1.000 15.14000 ? 8   CYS B HB3  1 
ATOM   99  H  HG   . CYS A 1 8  ? -0.99968  -0.96457  4.33236  1.000 29.61000 ? 8   CYS B HG   1 
HETATM 100 N  N    . AIB A 1 9  ? -5.02649  -0.27029  1.80891  1.000 12.73000 ? 9   AIB B N    1 
HETATM 101 C  CA   . AIB A 1 9  ? -6.23825  -1.04035  1.93975  1.000 11.80000 ? 9   AIB B CA   1 
HETATM 102 C  C    . AIB A 1 9  ? -6.76312  -1.60797  0.61485  1.000 16.75000 ? 9   AIB B C    1 
HETATM 103 O  O    . AIB A 1 9  ? -7.24031  -2.73411  0.48592  1.000 17.71000 ? 9   AIB B O    1 
HETATM 104 C  CB1  . AIB A 1 9  ? -6.02106  -2.25535  2.86593  1.000 15.10000 ? 9   AIB B CB1  1 
HETATM 105 C  CB2  . AIB A 1 9  ? -7.36631  -0.16621  2.51694  1.000 15.06000 ? 9   AIB B CB2  1 
ATOM   106 N  N    . LEU A 1 10 ? -6.64793  -0.77511  -0.41432 1.000 12.48000 ? 10  LEU B N    1 
ATOM   107 C  CA   . LEU A 1 10 ? -7.17638  -1.11227  -1.72583 1.000 16.12000 ? 10  LEU B CA   1 
ATOM   108 C  C    . LEU A 1 10 ? -6.33851  -2.12485  -2.47546 1.000 16.73000 ? 10  LEU B C    1 
ATOM   109 O  O    . LEU A 1 10 ? -6.79345  -2.70113  -3.46587 1.000 15.95000 ? 10  LEU B O    1 
ATOM   110 C  CB   . LEU A 1 10 ? -7.29534  0.16272   -2.55702 1.000 17.24000 ? 10  LEU B CB   1 
ATOM   111 C  CG   . LEU A 1 10 ? -8.45437  1.06276   -2.15804 1.000 18.30000 ? 10  LEU B CG   1 
ATOM   112 C  CD1  . LEU A 1 10 ? -8.24263  2.44968   -2.73634 1.000 19.90000 ? 10  LEU B CD1  1 
ATOM   113 C  CD2  . LEU A 1 10 ? -9.76700  0.46902   -2.64021 1.000 19.89000 ? 10  LEU B CD2  1 
ATOM   114 H  H    . LEU A 1 10 ? -6.26576  -0.00564  -0.37619 1.000 13.90000 ? 10  LEU B H    1 
ATOM   115 H  HA   . LEU A 1 10 ? -8.04750  -1.52061  -1.60211 1.000 18.26000 ? 10  LEU B HA   1 
ATOM   116 H  HB2  . LEU A 1 10 ? -6.47722  0.67424   -2.45740 1.000 19.62000 ? 10  LEU B HB2  1 
ATOM   117 H  HB3  . LEU A 1 10 ? -7.42082  -0.08469  -3.48650 1.000 19.62000 ? 10  LEU B HB3  1 
ATOM   118 H  HG   . LEU A 1 10 ? -8.49992  1.13771   -1.19201 1.000 20.89000 ? 10  LEU B HG   1 
ATOM   119 H  HD11 . LEU A 1 10 ? -9.02060  2.99527   -2.54142 1.000 22.80000 ? 10  LEU B HD11 1 
ATOM   120 H  HD12 . LEU A 1 10 ? -7.45320  2.84303   -2.33262 1.000 22.80000 ? 10  LEU B HD12 1 
ATOM   121 H  HD13 . LEU A 1 10 ? -8.12188  2.37664   -3.69601 1.000 22.80000 ? 10  LEU B HD13 1 
ATOM   122 H  HD21 . LEU A 1 10 ? -10.48770 1.08305   -2.42937 1.000 22.79000 ? 10  LEU B HD21 1 
ATOM   123 H  HD22 . LEU A 1 10 ? -9.71853  0.33273   -3.59937 1.000 22.79000 ? 10  LEU B HD22 1 
ATOM   124 H  HD23 . LEU A 1 10 ? -9.91335  -0.37900  -2.19260 1.000 22.79000 ? 10  LEU B HD23 1 
HETATM 125 N  N    . NH2 A 1 11 ? -4.93181  -2.37322  -2.38996 1.000 21.63000 ? 11  NH2 B N    1 
HETATM 126 H  HN1  . NH2 A 1 11 ? -4.46198  -1.77958  -2.85694 1.000 25.99000 ? 11  NH2 B HN1  1 
HETATM 127 H  HN2  . NH2 A 1 11 ? -4.90872  -2.07034  -1.55500 1.000 25.99000 ? 11  NH2 B HN2  1 
HETATM 128 C  C    . ACE B 1 1  ? 4.55489   -9.86635  1.33828  1.000 24.07000 ? 1   ACE A C    1 
HETATM 129 O  O    . ACE B 1 1  ? 4.34807   -8.65981  1.35292  1.000 28.53000 ? 1   ACE A O    1 
HETATM 130 C  CH3  . ACE B 1 1  ? 3.87232   -10.79548 2.34240  1.000 14.42000 ? 1   ACE A CH3  1 
HETATM 131 H  H1   . ACE B 1 1  ? 3.44695   -10.28138 3.04643  1.000 13.14000 ? 1   ACE A H1   1 
HETATM 132 H  H2   . ACE B 1 1  ? 4.52035   -11.39261 2.74784  1.000 13.14000 ? 1   ACE A H2   1 
HETATM 133 H  H3   . ACE B 1 1  ? 3.19445   -11.33208 1.90255  1.000 13.14000 ? 1   ACE A H3   1 
ATOM   134 N  N    . LEU B 1 2  ? 5.57395   -10.30633 0.44044  1.000 14.27000 ? 2   LEU A N    1 
ATOM   135 C  CA   . LEU B 1 2  ? 6.52763   -9.43209  -0.22495 1.000 17.21000 ? 2   LEU A CA   1 
ATOM   136 C  C    . LEU B 1 2  ? 5.84947   -8.65144  -1.35944 1.000 18.29000 ? 2   LEU A C    1 
ATOM   137 O  O    . LEU B 1 2  ? 6.09366   -7.45873  -1.51917 1.000 12.09000 ? 2   LEU A O    1 
ATOM   138 C  CB   . LEU B 1 2  ? 7.71369   -10.23734 -0.75459 1.000 17.13000 ? 2   LEU A CB   1 
ATOM   139 C  CG   . LEU B 1 2  ? 8.55140   -10.89080 0.35696  1.000 19.02000 ? 2   LEU A CG   1 
ATOM   140 C  CD1  . LEU B 1 2  ? 9.58799   -11.86599 -0.17405 1.000 21.57000 ? 2   LEU A CD1  1 
ATOM   141 C  CD2  . LEU B 1 2  ? 9.23331   -9.81213  1.20875  1.000 21.15000 ? 2   LEU A CD2  1 
ATOM   142 H  H    . LEU B 1 2  ? 5.50201   -11.09101 0.08957  1.000 14.96000 ? 2   LEU A H    1 
ATOM   143 H  HA   . LEU B 1 2  ? 6.87397   -8.78803  0.41233  1.000 18.49000 ? 2   LEU A HA   1 
ATOM   144 H  HB2  . LEU B 1 2  ? 7.38041   -10.94269 -1.33106 1.000 18.39000 ? 2   LEU A HB2  1 
ATOM   145 H  HB3  . LEU B 1 2  ? 8.29457   -9.64490  -1.25707 1.000 18.39000 ? 2   LEU A HB3  1 
ATOM   146 H  HG   . LEU B 1 2  ? 7.94418   -11.40730 0.90958  1.000 20.66000 ? 2   LEU A HG   1 
ATOM   147 H  HD11 . LEU B 1 2  ? 9.98652   -12.34060 0.57216  1.000 23.72000 ? 2   LEU A HD11 1 
ATOM   148 H  HD12 . LEU B 1 2  ? 9.15343   -12.49443 -0.77164 1.000 23.72000 ? 2   LEU A HD12 1 
ATOM   149 H  HD13 . LEU B 1 2  ? 10.27052  -11.37116 -0.65384 1.000 23.72000 ? 2   LEU A HD13 1 
ATOM   150 H  HD21 . LEU B 1 2  ? 9.86261   -10.23728 1.81218  1.000 23.21000 ? 2   LEU A HD21 1 
ATOM   151 H  HD22 . LEU B 1 2  ? 9.70101   -9.19624  0.62323  1.000 23.21000 ? 2   LEU A HD22 1 
ATOM   152 H  HD23 . LEU B 1 2  ? 8.55739   -9.33682  1.71679  1.000 23.21000 ? 2   LEU A HD23 1 
HETATM 153 N  N    . AIB B 1 3  ? 4.99427   -9.32450  -2.12775 1.000 18.50000 ? 3   AIB A N    1 
HETATM 154 C  CA   . AIB B 1 3  ? 4.20963   -8.64300  -3.15041 1.000 20.16000 ? 3   AIB A CA   1 
HETATM 155 C  C    . AIB B 1 3  ? 3.48925   -7.38252  -2.64510 1.000 16.61000 ? 3   AIB A C    1 
HETATM 156 O  O    . AIB B 1 3  ? 3.56518   -6.28075  -3.21152 1.000 18.10000 ? 3   AIB A O    1 
HETATM 157 C  CB1  . AIB B 1 3  ? 5.10345   -8.17018  -4.31517 1.000 17.01000 ? 3   AIB A CB1  1 
HETATM 158 C  CB2  . AIB B 1 3  ? 3.09022   -9.53968  -3.72152 1.000 21.13000 ? 3   AIB A CB2  1 
ATOM   159 N  N    . GLU B 1 4  ? 2.74981   -7.55644  -1.55135 1.000 17.68000 ? 4   GLU A N    1 
ATOM   160 C  CA   . GLU B 1 4  ? 2.08927   -6.42571  -0.88874 1.000 21.17000 ? 4   GLU A CA   1 
ATOM   161 C  C    . GLU B 1 4  ? 3.06033   -5.40195  -0.35681 1.000 20.11000 ? 4   GLU A C    1 
ATOM   162 O  O    . GLU B 1 4  ? 2.88590   -4.20849  -0.57817 1.000 17.27000 ? 4   GLU A O    1 
ATOM   163 C  CB   . GLU B 1 4  ? 1.19294   -6.88502  0.26933  1.000 29.02000 ? 4   GLU A CB   1 
ATOM   164 C  CG   . GLU B 1 4  ? 0.21529   -5.80923  0.81956  1.000 29.57000 ? 4   GLU A CG   1 
ATOM   165 C  CD   . GLU B 1 4  ? -0.49777  -5.04536  -0.18674 1.000 34.86000 ? 4   GLU A CD   1 
ATOM   166 O  OE1  . GLU B 1 4  ? -0.45620  -3.79970  -0.33806 1.000 36.32000 ? 4   GLU A OE1  1 
ATOM   167 O  OE2  . GLU B 1 4  ? -1.31992  -5.74964  -0.77347 1.000 42.16000 ? 4   GLU A OE2  1 
ATOM   168 H  H    . GLU B 1 4  ? 2.61365   -8.31616  -1.17202 1.000 19.91000 ? 4   GLU A H    1 
ATOM   169 H  HA   . GLU B 1 4  ? 1.54041   -6.00289  -1.56762 1.000 24.09000 ? 4   GLU A HA   1 
ATOM   170 H  HB2  . GLU B 1 4  ? 0.65731   -7.63353  -0.03684 1.000 33.51000 ? 4   GLU A HB2  1 
ATOM   171 H  HB3  . GLU B 1 4  ? 1.76151   -7.16270  1.00455  1.000 33.51000 ? 4   GLU A HB3  1 
ATOM   172 H  HG2  . GLU B 1 4  ? -0.44895  -6.25232  1.37032  1.000 34.17000 ? 4   GLU A HG2  1 
ATOM   173 H  HG3  . GLU B 1 4  ? 0.72302   -5.17918  1.35449  1.000 34.17000 ? 4   GLU A HG3  1 
HETATM 174 N  N    . AIB B 1 5  ? 4.05512   -5.86536  0.38609  1.000 16.27000 ? 5   AIB A N    1 
HETATM 175 C  CA   . AIB B 1 5  ? 5.07243   -4.95841  0.89519  1.000 15.41000 ? 5   AIB A CA   1 
HETATM 176 C  C    . AIB B 1 5  ? 5.55713   -3.98021  -0.19771 1.000 19.96000 ? 5   AIB A C    1 
HETATM 177 O  O    . AIB B 1 5  ? 5.68736   -2.76413  -0.03411 1.000 16.49000 ? 5   AIB A O    1 
HETATM 178 C  CB1  . AIB B 1 5  ? 4.52724   -4.08988  2.04502  1.000 15.31000 ? 5   AIB A CB1  1 
HETATM 179 C  CB2  . AIB B 1 5  ? 6.29303   -5.74504  1.41439  1.000 15.93000 ? 5   AIB A CB2  1 
ATOM   180 N  N    . LEU B 1 6  ? 5.78627   -4.54349  -1.37971 1.000 11.53000 ? 6   LEU A N    1 
ATOM   181 C  CA   . LEU B 1 6  ? 6.31740   -3.76626  -2.49260 1.000 17.66000 ? 6   LEU A CA   1 
ATOM   182 C  C    . LEU B 1 6  ? 5.26031   -2.80546  -3.05838 1.000 13.74000 ? 6   LEU A C    1 
ATOM   183 O  O    . LEU B 1 6  ? 5.58800   -1.68371  -3.44765 1.000 18.09000 ? 6   LEU A O    1 
ATOM   184 C  CB   . LEU B 1 6  ? 6.83474   -4.70105  -3.59041 1.000 18.04000 ? 6   LEU A CB   1 
ATOM   185 C  CG   . LEU B 1 6  ? 7.43324   -4.03923  -4.83861 1.000 18.84000 ? 6   LEU A CG   1 
ATOM   186 C  CD1  . LEU B 1 6  ? 8.52074   -3.04293  -4.44184 1.000 18.15000 ? 6   LEU A CD1  1 
ATOM   187 C  CD2  . LEU B 1 6  ? 7.98950   -5.07388  -5.80856 1.000 20.01000 ? 6   LEU A CD2  1 
ATOM   188 H  H    . LEU B 1 6  ? 5.64263   -5.37170  -1.56147 1.000 12.06000 ? 6   LEU A H    1 
ATOM   189 H  HA   . LEU B 1 6  ? 7.06099   -3.22824  -2.17874 1.000 19.41000 ? 6   LEU A HA   1 
ATOM   190 H  HB2  . LEU B 1 6  ? 7.52816   -5.25949  -3.20545 1.000 19.86000 ? 6   LEU A HB2  1 
ATOM   191 H  HB3  . LEU B 1 6  ? 6.09347   -5.25093  -3.88884 1.000 19.86000 ? 6   LEU A HB3  1 
ATOM   192 H  HG   . LEU B 1 6  ? 6.72629   -3.56052  -5.29899 1.000 20.82000 ? 6   LEU A HG   1 
ATOM   193 H  HD11 . LEU B 1 6  ? 8.94555   -2.70273  -5.24477 1.000 20.00000 ? 6   LEU A HD11 1 
ATOM   194 H  HD12 . LEU B 1 6  ? 8.11549   -2.31332  -3.94752 1.000 20.00000 ? 6   LEU A HD12 1 
ATOM   195 H  HD13 . LEU B 1 6  ? 9.17576   -3.49471  -3.88709 1.000 20.00000 ? 6   LEU A HD13 1 
ATOM   196 H  HD21 . LEU B 1 6  ? 8.33912   -4.61812  -6.59020 1.000 22.22000 ? 6   LEU A HD21 1 
ATOM   197 H  HD22 . LEU B 1 6  ? 8.69871   -5.56908  -5.36960 1.000 22.22000 ? 6   LEU A HD22 1 
ATOM   198 H  HD23 . LEU B 1 6  ? 7.27661   -5.67787  -6.06911 1.000 22.22000 ? 6   LEU A HD23 1 
ATOM   199 N  N    . HIS B 1 7  ? 3.99322   -3.23343  -3.08368 1.000 15.37000 ? 7   HIS A N    1 
ATOM   200 C  CA   . HIS B 1 7  ? 2.92820   -2.35657  -3.56995 1.000 16.89000 ? 7   HIS A CA   1 
ATOM   201 C  C    . HIS B 1 7  ? 2.75886   -1.15438  -2.65161 1.000 17.68000 ? 7   HIS A C    1 
ATOM   202 O  O    . HIS B 1 7  ? 2.56942   -0.02688  -3.12660 1.000 16.36000 ? 7   HIS A O    1 
ATOM   203 C  CB   . HIS B 1 7  ? 1.61931   -3.14084  -3.67740 1.000 18.80000 ? 7   HIS A CB   1 
ATOM   204 C  CG   . HIS B 1 7  ? 0.41253   -2.28382  -3.93132 1.000 18.81000 ? 7   HIS A CG   1 
ATOM   205 N  ND1  . HIS B 1 7  ? -0.58884  -2.10518  -2.98732 1.000 25.25000 ? 7   HIS A ND1  1 
ATOM   206 C  CD2  . HIS B 1 7  ? 0.03589   -1.57984  -5.01728 1.000 22.51000 ? 7   HIS A CD2  1 
ATOM   207 C  CE1  . HIS B 1 7  ? -1.52588  -1.32884  -3.49833 1.000 22.61000 ? 7   HIS A CE1  1 
ATOM   208 N  NE2  . HIS B 1 7  ? -1.17403  -0.98718  -4.72576 1.000 24.95000 ? 7   HIS A NE2  1 
ATOM   209 H  H    . HIS B 1 7  ? 3.73017   -4.01181  -2.82965 1.000 16.95000 ? 7   HIS A H    1 
ATOM   210 H  HA   . HIS B 1 7  ? 3.15760   -2.03353  -4.45533 1.000 18.77000 ? 7   HIS A HA   1 
ATOM   211 H  HB2  . HIS B 1 7  ? 1.69358   -3.77062  -4.41140 1.000 21.06000 ? 7   HIS A HB2  1 
ATOM   212 H  HB3  . HIS B 1 7  ? 1.47303   -3.61711  -2.84514 1.000 21.06000 ? 7   HIS A HB3  1 
ATOM   213 H  HD1  . HIS B 1 7  ? -0.59744  -2.44519  -2.19744 1.000 28.80000 ? 7   HIS A HD1  1 
ATOM   214 H  HD2  . HIS B 1 7  ? 0.50595   -1.50728  -5.81645 1.000 25.52000 ? 7   HIS A HD2  1 
ATOM   215 H  HE1  . HIS B 1 7  ? -2.30584  -1.06536  -3.06573 1.000 25.63000 ? 7   HIS A HE1  1 
ATOM   216 N  N    . CYS B 1 8  ? 2.83230   -1.37308  -1.34104 1.000 16.95000 ? 8   CYS A N    1 
ATOM   217 C  CA   . CYS B 1 8  ? 2.69209   -0.31321  -0.34850 1.000 15.02000 ? 8   CYS A CA   1 
ATOM   218 C  C    . CYS B 1 8  ? 3.85171   0.65679   -0.50981 1.000 14.57000 ? 8   CYS A C    1 
ATOM   219 O  O    . CYS B 1 8  ? 3.66433   1.87272   -0.55616 1.000 17.67000 ? 8   CYS A O    1 
ATOM   220 C  CB   . CYS B 1 8  ? 2.66713   -0.91983  1.05616  1.000 15.88000 ? 8   CYS A CB   1 
ATOM   221 S  SG   . CYS B 1 8  ? 2.41706   0.26889   2.37974  1.000 26.35000 ? 8   CYS A SG   1 
ATOM   222 H  H    . CYS B 1 8  ? 2.96631   -2.14774  -0.99243 1.000 18.41000 ? 8   CYS A H    1 
ATOM   223 H  HA   . CYS B 1 8  ? 1.86063   0.17334   -0.46185 1.000 16.10000 ? 8   CYS A HA   1 
ATOM   224 H  HB2  . CYS B 1 8  ? 1.94354   -1.56427  1.10102  1.000 17.13000 ? 8   CYS A HB2  1 
ATOM   225 H  HB3  . CYS B 1 8  ? 3.51554   -1.36195  1.21632  1.000 17.13000 ? 8   CYS A HB3  1 
ATOM   226 H  HG   . CYS B 1 8  ? 2.52183   -0.29330  3.43472  1.000 29.69000 ? 8   CYS A HG   1 
HETATM 227 N  N    . AIB B 1 9  ? 5.05941   0.11026   -0.61484 1.000 15.00000 ? 9   AIB A N    1 
HETATM 228 C  CA   . AIB B 1 9  ? 6.25397   0.92068   -0.76388 1.000 14.95000 ? 9   AIB A CA   1 
HETATM 229 C  C    . AIB B 1 9  ? 6.21646   1.86558   -1.97713 1.000 22.78000 ? 9   AIB A C    1 
HETATM 230 O  O    . AIB B 1 9  ? 6.53331   3.05853   -1.95548 1.000 17.02000 ? 9   AIB A O    1 
HETATM 231 C  CB1  . AIB B 1 9  ? 6.46383   1.81024   0.47323  1.000 13.38000 ? 9   AIB A CB1  1 
HETATM 232 C  CB2  . AIB B 1 9  ? 7.47733   0.00137   -0.92637 1.000 16.88000 ? 9   AIB A CB2  1 
ATOM   233 N  N    . LEU B 1 10 ? 5.78678   1.28623   -3.08740 1.000 13.00000 ? 10  LEU A N    1 
ATOM   234 C  CA   . LEU B 1 10 ? 5.72586   1.99640   -4.35383 1.000 16.46000 ? 10  LEU A CA   1 
ATOM   235 C  C    . LEU B 1 10 ? 4.61893   3.03899   -4.35903 1.000 18.13000 ? 10  LEU A C    1 
ATOM   236 O  O    . LEU B 1 10 ? 4.68936   4.02343   -5.08955 1.000 22.15000 ? 10  LEU A O    1 
ATOM   237 C  CB   . LEU B 1 10 ? 5.51879   0.99641   -5.48345 1.000 16.28000 ? 10  LEU A CB   1 
ATOM   238 C  CG   . LEU B 1 10 ? 6.72871   0.15503   -5.85775 1.000 16.69000 ? 10  LEU A CG   1 
ATOM   239 C  CD1  . LEU B 1 10 ? 6.24737   -0.98895  -6.73759 1.000 18.89000 ? 10  LEU A CD1  1 
ATOM   240 C  CD2  . LEU B 1 10 ? 7.76646   0.98433   -6.57959 1.000 19.57000 ? 10  LEU A CD2  1 
ATOM   241 H  H    . LEU B 1 10 ? 5.52071   0.46977   -3.13433 1.000 13.75000 ? 10  LEU A H    1 
ATOM   242 H  HA   . LEU B 1 10 ? 6.56071   2.46790   -4.50089 1.000 17.90000 ? 10  LEU A HA   1 
ATOM   243 H  HB2  . LEU B 1 10 ? 4.81359   0.38455   -5.22037 1.000 17.70000 ? 10  LEU A HB2  1 
ATOM   244 H  HB3  . LEU B 1 10 ? 5.25339   1.48706   -6.27699 1.000 17.70000 ? 10  LEU A HB3  1 
ATOM   245 H  HG   . LEU B 1 10 ? 7.15684   -0.19588  -5.06122 1.000 18.18000 ? 10  LEU A HG   1 
ATOM   246 H  HD11 . LEU B 1 10 ? 7.01124   -1.52170  -7.00885 1.000 20.83000 ? 10  LEU A HD11 1 
ATOM   247 H  HD12 . LEU B 1 10 ? 5.62537   -1.53568  -6.23252 1.000 20.83000 ? 10  LEU A HD12 1 
ATOM   248 H  HD13 . LEU B 1 10 ? 5.80575   -0.62185  -7.51934 1.000 20.83000 ? 10  LEU A HD13 1 
ATOM   249 H  HD21 . LEU B 1 10 ? 8.50608   0.41145   -6.83588 1.000 21.64000 ? 10  LEU A HD21 1 
ATOM   250 H  HD22 . LEU B 1 10 ? 7.36320   1.37713   -7.36951 1.000 21.64000 ? 10  LEU A HD22 1 
ATOM   251 H  HD23 . LEU B 1 10 ? 8.08043   1.68408   -5.98573 1.000 21.64000 ? 10  LEU A HD23 1 
HETATM 252 N  N    . NH2 B 1 11 ? 3.39672   2.97627   -3.62079 1.000 18.95000 ? 11  NH2 A N    1 
HETATM 253 H  HN1  . NH2 B 1 11 ? 2.62590   3.41583   -3.68567 1.000 22.18000 ? 11  NH2 A HN1  1 
HETATM 254 H  HN2  . NH2 B 1 11 ? 3.17793   2.14928   -3.38412 1.000 22.18000 ? 11  NH2 A HN2  1 
HETATM 255 CO CO   . CO  C 2 .  ? 0.77143   -0.68667  3.67871  1.000 19.73000 ? 101 CO  A CO   1 
HETATM 256 O  O    . HOH D 3 .  ? -4.48749  -4.01359  -2.79766 1.000 30.00000 ? 101 HOH B O    1 
HETATM 257 O  O    . HOH D 3 .  ? 3.07986   8.08106   3.06600  1.000 30.00000 ? 102 HOH B O    1 
HETATM 258 O  O    . HOH D 3 .  ? -1.56382  5.87172   6.87323  1.000 23.11000 ? 103 HOH B O    1 
HETATM 259 O  O    . HOH D 3 .  ? 0.67307   5.70867   -1.31436 1.000 30.93000 ? 104 HOH B O    1 
HETATM 260 O  O    . HOH E 3 .  ? 1.97942   5.73371   -3.47722 1.000 28.59000 ? 201 HOH A O    1 
HETATM 261 O  O    . HOH E 3 .  ? 0.98978   3.38315   -0.00467 1.000 35.71000 ? 202 HOH A O    1 
# 
